data_393D
# 
_entry.id   393D 
# 
_audit_conform.dict_name       mmcif_pdbx.dic 
_audit_conform.dict_version    5.387 
_audit_conform.dict_location   http://mmcif.pdb.org/dictionaries/ascii/mmcif_pdbx.dic 
# 
loop_
_database_2.database_id 
_database_2.database_code 
_database_2.pdbx_database_accession 
_database_2.pdbx_DOI 
PDB   393D         pdb_0000393d 10.2210/pdb393d/pdb 
RCSB  UHJ073       ?            ?                   
WWPDB D_1000178857 ?            ?                   
# 
loop_
_pdbx_audit_revision_history.ordinal 
_pdbx_audit_revision_history.data_content_type 
_pdbx_audit_revision_history.major_revision 
_pdbx_audit_revision_history.minor_revision 
_pdbx_audit_revision_history.revision_date 
1 'Structure model' 1 0 1998-05-01 
2 'Structure model' 1 1 2008-05-22 
3 'Structure model' 1 2 2011-07-13 
4 'Structure model' 1 3 2016-12-14 
5 'Structure model' 1 4 2017-02-01 
6 'Structure model' 1 5 2017-05-03 
7 'Structure model' 1 6 2024-02-21 
# 
_pdbx_audit_revision_details.ordinal             1 
_pdbx_audit_revision_details.revision_ordinal    1 
_pdbx_audit_revision_details.data_content_type   'Structure model' 
_pdbx_audit_revision_details.provider            repository 
_pdbx_audit_revision_details.type                'Initial release' 
_pdbx_audit_revision_details.description         ? 
_pdbx_audit_revision_details.details             ? 
# 
loop_
_pdbx_audit_revision_group.ordinal 
_pdbx_audit_revision_group.revision_ordinal 
_pdbx_audit_revision_group.data_content_type 
_pdbx_audit_revision_group.group 
1 2 'Structure model' 'Version format compliance' 
2 3 'Structure model' 'Version format compliance' 
3 4 'Structure model' 'Structure summary'         
4 5 'Structure model' 'Database references'       
5 6 'Structure model' 'Source and taxonomy'       
6 6 'Structure model' 'Structure summary'         
7 7 'Structure model' 'Data collection'           
8 7 'Structure model' 'Database references'       
# 
loop_
_pdbx_audit_revision_category.ordinal 
_pdbx_audit_revision_category.revision_ordinal 
_pdbx_audit_revision_category.data_content_type 
_pdbx_audit_revision_category.category 
1 7 'Structure model' chem_comp_atom 
2 7 'Structure model' chem_comp_bond 
3 7 'Structure model' database_2     
# 
loop_
_pdbx_audit_revision_item.ordinal 
_pdbx_audit_revision_item.revision_ordinal 
_pdbx_audit_revision_item.data_content_type 
_pdbx_audit_revision_item.item 
1 7 'Structure model' '_database_2.pdbx_DOI'                
2 7 'Structure model' '_database_2.pdbx_database_accession' 
# 
_pdbx_database_status.status_code                     REL 
_pdbx_database_status.entry_id                        393D 
_pdbx_database_status.recvd_initial_deposition_date   1998-04-29 
_pdbx_database_status.deposit_site                    NDB 
_pdbx_database_status.process_site                    NDB 
_pdbx_database_status.SG_entry                        . 
_pdbx_database_status.status_code_sf                  ? 
_pdbx_database_status.status_code_mr                  ? 
_pdbx_database_status.status_code_cs                  ? 
_pdbx_database_status.methods_development_category    ? 
_pdbx_database_status.pdb_format_compatible           Y 
_pdbx_database_status.status_code_nmr_data            ? 
# 
loop_
_audit_author.name 
_audit_author.pdbx_ordinal 
_audit_author.identifier_ORCID 
'Ban, C.'           1 ? 
'Sundaralingam, M.' 2 ? 
'Ramakrishnan, B.'  3 ? 
# 
_citation.id                        primary 
_citation.title                     
'Crystal Structure of Two Self-Complementary Chimeric Decamer d(CCGG)r(C)d(GCCGG) and d(CCGG)r(CG)d(CCGG)' 
_citation.journal_abbrev            'To be Published' 
_citation.journal_volume            ? 
_citation.page_first                ? 
_citation.page_last                 ? 
_citation.year                      ? 
_citation.journal_id_ASTM           ? 
_citation.country                   ? 
_citation.journal_id_ISSN           ? 
_citation.journal_id_CSD            0353 
_citation.book_publisher            ? 
_citation.pdbx_database_id_PubMed   ? 
_citation.pdbx_database_id_DOI      ? 
# 
loop_
_citation_author.citation_id 
_citation_author.name 
_citation_author.ordinal 
_citation_author.identifier_ORCID 
primary 'Ban, C.'           1 ? 
primary 'Ramakrishnan, B.'  2 ? 
primary 'Sundaralingam, M.' 3 ? 
# 
loop_
_entity.id 
_entity.type 
_entity.src_method 
_entity.pdbx_description 
_entity.formula_weight 
_entity.pdbx_number_of_molecules 
_entity.pdbx_ec 
_entity.pdbx_mutation 
_entity.pdbx_fragment 
_entity.details 
1 polymer syn 
;DNA/RNA (5'-D(*CP*CP*GP*GP)-R(*CP)-D(*GP*CP*CP*GP*G)-3')
;
3062.980 2  ? ? ? ? 
2 water   nat water                                                      18.015   70 ? ? ? ? 
# 
_entity_poly.entity_id                      1 
_entity_poly.type                           'polydeoxyribonucleotide/polyribonucleotide hybrid' 
_entity_poly.nstd_linkage                   no 
_entity_poly.nstd_monomer                   no 
_entity_poly.pdbx_seq_one_letter_code       '(DC)(DC)(DG)(DG)C(DG)(DC)(DC)(DG)(DG)' 
_entity_poly.pdbx_seq_one_letter_code_can   CCGGCGCCGG 
_entity_poly.pdbx_strand_id                 A,B 
_entity_poly.pdbx_target_identifier         ? 
# 
_pdbx_entity_nonpoly.entity_id   2 
_pdbx_entity_nonpoly.name        water 
_pdbx_entity_nonpoly.comp_id     HOH 
# 
loop_
_entity_poly_seq.entity_id 
_entity_poly_seq.num 
_entity_poly_seq.mon_id 
_entity_poly_seq.hetero 
1 1  DC n 
1 2  DC n 
1 3  DG n 
1 4  DG n 
1 5  C  n 
1 6  DG n 
1 7  DC n 
1 8  DC n 
1 9  DG n 
1 10 DG n 
# 
_pdbx_entity_src_syn.entity_id              1 
_pdbx_entity_src_syn.pdbx_src_id            1 
_pdbx_entity_src_syn.pdbx_alt_source_flag   sample 
_pdbx_entity_src_syn.pdbx_beg_seq_num       ? 
_pdbx_entity_src_syn.pdbx_end_seq_num       ? 
_pdbx_entity_src_syn.organism_scientific    'synthetic construct' 
_pdbx_entity_src_syn.organism_common_name   ? 
_pdbx_entity_src_syn.ncbi_taxonomy_id       32630 
_pdbx_entity_src_syn.details                ? 
# 
loop_
_chem_comp.id 
_chem_comp.type 
_chem_comp.mon_nstd_flag 
_chem_comp.name 
_chem_comp.pdbx_synonyms 
_chem_comp.formula 
_chem_comp.formula_weight 
C   'RNA linking' y "CYTIDINE-5'-MONOPHOSPHATE"          ? 'C9 H14 N3 O8 P'  323.197 
DC  'DNA linking' y "2'-DEOXYCYTIDINE-5'-MONOPHOSPHATE"  ? 'C9 H14 N3 O7 P'  307.197 
DG  'DNA linking' y "2'-DEOXYGUANOSINE-5'-MONOPHOSPHATE" ? 'C10 H14 N5 O7 P' 347.221 
HOH non-polymer   . WATER                                ? 'H2 O'            18.015  
# 
loop_
_pdbx_poly_seq_scheme.asym_id 
_pdbx_poly_seq_scheme.entity_id 
_pdbx_poly_seq_scheme.seq_id 
_pdbx_poly_seq_scheme.mon_id 
_pdbx_poly_seq_scheme.ndb_seq_num 
_pdbx_poly_seq_scheme.pdb_seq_num 
_pdbx_poly_seq_scheme.auth_seq_num 
_pdbx_poly_seq_scheme.pdb_mon_id 
_pdbx_poly_seq_scheme.auth_mon_id 
_pdbx_poly_seq_scheme.pdb_strand_id 
_pdbx_poly_seq_scheme.pdb_ins_code 
_pdbx_poly_seq_scheme.hetero 
A 1 1  DC 1  1  1  DC C A . n 
A 1 2  DC 2  2  2  DC C A . n 
A 1 3  DG 3  3  3  DG G A . n 
A 1 4  DG 4  4  4  DG G A . n 
A 1 5  C  5  5  5  C  C A . n 
A 1 6  DG 6  6  6  DG G A . n 
A 1 7  DC 7  7  7  DC C A . n 
A 1 8  DC 8  8  8  DC C A . n 
A 1 9  DG 9  9  9  DG G A . n 
A 1 10 DG 10 10 10 DG G A . n 
B 1 1  DC 1  11 11 DC C B . n 
B 1 2  DC 2  12 12 DC C B . n 
B 1 3  DG 3  13 13 DG G B . n 
B 1 4  DG 4  14 14 DG G B . n 
B 1 5  C  5  15 15 C  C B . n 
B 1 6  DG 6  16 16 DG G B . n 
B 1 7  DC 7  17 17 DC C B . n 
B 1 8  DC 8  18 18 DC C B . n 
B 1 9  DG 9  19 19 DG G B . n 
B 1 10 DG 10 20 20 DG G B . n 
# 
loop_
_pdbx_nonpoly_scheme.asym_id 
_pdbx_nonpoly_scheme.entity_id 
_pdbx_nonpoly_scheme.mon_id 
_pdbx_nonpoly_scheme.ndb_seq_num 
_pdbx_nonpoly_scheme.pdb_seq_num 
_pdbx_nonpoly_scheme.auth_seq_num 
_pdbx_nonpoly_scheme.pdb_mon_id 
_pdbx_nonpoly_scheme.auth_mon_id 
_pdbx_nonpoly_scheme.pdb_strand_id 
_pdbx_nonpoly_scheme.pdb_ins_code 
C 2 HOH 1  21 21 HOH HOH A . 
C 2 HOH 2  23 23 HOH HOH A . 
C 2 HOH 3  25 25 HOH HOH A . 
C 2 HOH 4  27 27 HOH HOH A . 
C 2 HOH 5  28 28 HOH HOH A . 
C 2 HOH 6  29 29 HOH HOH A . 
C 2 HOH 7  30 30 HOH HOH A . 
C 2 HOH 8  31 31 HOH HOH A . 
C 2 HOH 9  32 32 HOH HOH A . 
C 2 HOH 10 33 33 HOH HOH A . 
C 2 HOH 11 34 34 HOH HOH A . 
C 2 HOH 12 35 35 HOH HOH A . 
C 2 HOH 13 36 36 HOH HOH A . 
C 2 HOH 14 39 39 HOH HOH A . 
C 2 HOH 15 40 40 HOH HOH A . 
C 2 HOH 16 44 44 HOH HOH A . 
C 2 HOH 17 47 47 HOH HOH A . 
C 2 HOH 18 48 48 HOH HOH A . 
C 2 HOH 19 49 49 HOH HOH A . 
C 2 HOH 20 50 50 HOH HOH A . 
C 2 HOH 21 51 51 HOH HOH A . 
C 2 HOH 22 54 54 HOH HOH A . 
C 2 HOH 23 57 57 HOH HOH A . 
C 2 HOH 24 60 60 HOH HOH A . 
C 2 HOH 25 62 62 HOH HOH A . 
C 2 HOH 26 65 65 HOH HOH A . 
C 2 HOH 27 66 66 HOH HOH A . 
C 2 HOH 28 67 67 HOH HOH A . 
C 2 HOH 29 69 69 HOH HOH A . 
C 2 HOH 30 70 70 HOH HOH A . 
C 2 HOH 31 71 71 HOH HOH A . 
C 2 HOH 32 73 73 HOH HOH A . 
C 2 HOH 33 77 77 HOH HOH A . 
C 2 HOH 34 80 80 HOH HOH A . 
C 2 HOH 35 82 82 HOH HOH A . 
C 2 HOH 36 84 84 HOH HOH A . 
C 2 HOH 37 85 85 HOH HOH A . 
C 2 HOH 38 87 87 HOH HOH A . 
C 2 HOH 39 88 88 HOH HOH A . 
C 2 HOH 40 89 89 HOH HOH A . 
C 2 HOH 41 90 90 HOH HOH A . 
D 2 HOH 1  22 22 HOH HOH B . 
D 2 HOH 2  24 24 HOH HOH B . 
D 2 HOH 3  26 26 HOH HOH B . 
D 2 HOH 4  37 37 HOH HOH B . 
D 2 HOH 5  38 38 HOH HOH B . 
D 2 HOH 6  41 41 HOH HOH B . 
D 2 HOH 7  42 42 HOH HOH B . 
D 2 HOH 8  43 43 HOH HOH B . 
D 2 HOH 9  45 45 HOH HOH B . 
D 2 HOH 10 46 46 HOH HOH B . 
D 2 HOH 11 52 52 HOH HOH B . 
D 2 HOH 12 53 53 HOH HOH B . 
D 2 HOH 13 55 55 HOH HOH B . 
D 2 HOH 14 56 56 HOH HOH B . 
D 2 HOH 15 58 58 HOH HOH B . 
D 2 HOH 16 59 59 HOH HOH B . 
D 2 HOH 17 61 61 HOH HOH B . 
D 2 HOH 18 63 63 HOH HOH B . 
D 2 HOH 19 64 64 HOH HOH B . 
D 2 HOH 20 68 68 HOH HOH B . 
D 2 HOH 21 72 72 HOH HOH B . 
D 2 HOH 22 74 74 HOH HOH B . 
D 2 HOH 23 75 75 HOH HOH B . 
D 2 HOH 24 76 76 HOH HOH B . 
D 2 HOH 25 78 78 HOH HOH B . 
D 2 HOH 26 79 79 HOH HOH B . 
D 2 HOH 27 81 81 HOH HOH B . 
D 2 HOH 28 83 83 HOH HOH B . 
D 2 HOH 29 86 86 HOH HOH B . 
# 
loop_
_software.name 
_software.classification 
_software.version 
_software.citation_id 
_software.pdbx_ordinal 
XENGEN 'data collection' .   ? 1 
XENGEN 'data reduction'  .   ? 2 
X-PLOR refinement        3.2 ? 3 
XENGEN 'data scaling'    .   ? 4 
# 
_cell.entry_id           393D 
_cell.length_a           24.520 
_cell.length_b           44.850 
_cell.length_c           47.580 
_cell.angle_alpha        90.00 
_cell.angle_beta         90.00 
_cell.angle_gamma        90.00 
_cell.Z_PDB              8 
_cell.pdbx_unique_axis   ? 
_cell.length_a_esd       ? 
_cell.length_b_esd       ? 
_cell.length_c_esd       ? 
_cell.angle_alpha_esd    ? 
_cell.angle_beta_esd     ? 
_cell.angle_gamma_esd    ? 
# 
_symmetry.entry_id                         393D 
_symmetry.space_group_name_H-M             'P 21 21 21' 
_symmetry.pdbx_full_space_group_name_H-M   ? 
_symmetry.cell_setting                     ? 
_symmetry.Int_Tables_number                19 
_symmetry.space_group_name_Hall            ? 
# 
_exptl.entry_id          393D 
_exptl.method            'X-RAY DIFFRACTION' 
_exptl.crystals_number   ? 
# 
_exptl_crystal.id                    1 
_exptl_crystal.density_meas          ? 
_exptl_crystal.density_percent_sol   39.69 
_exptl_crystal.density_Matthews      2.04 
_exptl_crystal.description           ? 
_exptl_crystal.F_000                 ? 
_exptl_crystal.preparation           ? 
# 
_exptl_crystal_grow.crystal_id      1 
_exptl_crystal_grow.method          'VAPOR DIFFUSION, HANGING DROP' 
_exptl_crystal_grow.temp            291.00 
_exptl_crystal_grow.temp_details    ? 
_exptl_crystal_grow.pH              6.00 
_exptl_crystal_grow.pdbx_details    'pH 6.00, VAPOR DIFFUSION, HANGING DROP, temperature 291.00K' 
_exptl_crystal_grow.pdbx_pH_range   . 
# 
loop_
_exptl_crystal_grow_comp.crystal_id 
_exptl_crystal_grow_comp.id 
_exptl_crystal_grow_comp.sol_id 
_exptl_crystal_grow_comp.name 
_exptl_crystal_grow_comp.volume 
_exptl_crystal_grow_comp.conc 
_exptl_crystal_grow_comp.details 
1 1 1 WATER             ? ? ? 
1 2 1 NA-CACODYLATE     ? ? ? 
1 3 1 'COBALT HEXAMINE' ? ? ? 
1 4 2 WATER             ? ? ? 
1 5 2 MPD               ? ? ? 
# 
_diffrn.id                     1 
_diffrn.ambient_temp           ? 
_diffrn.ambient_temp_details   ? 
_diffrn.crystal_id             1 
# 
_diffrn_detector.diffrn_id              1 
_diffrn_detector.detector               'AREA DETECTOR' 
_diffrn_detector.type                   SIEMENS 
_diffrn_detector.pdbx_collection_date   1995-06-13 
_diffrn_detector.details                ? 
# 
_diffrn_radiation.diffrn_id                        1 
_diffrn_radiation.wavelength_id                    1 
_diffrn_radiation.pdbx_monochromatic_or_laue_m_l   M 
_diffrn_radiation.monochromator                    ? 
_diffrn_radiation.pdbx_diffrn_protocol             'SINGLE WAVELENGTH' 
_diffrn_radiation.pdbx_scattering_type             x-ray 
# 
_diffrn_radiation_wavelength.id           1 
_diffrn_radiation_wavelength.wavelength   . 
_diffrn_radiation_wavelength.wt           1.0 
# 
_reflns.entry_id                     393D 
_reflns.observed_criterion_sigma_I   3.000 
_reflns.observed_criterion_sigma_F   ? 
_reflns.d_resolution_low             20.000 
_reflns.d_resolution_high            2.000 
_reflns.number_obs                   3219 
_reflns.number_all                   ? 
_reflns.percent_possible_obs         96.000 
_reflns.pdbx_Rmerge_I_obs            0.049 
_reflns.pdbx_Rsym_value              ? 
_reflns.pdbx_netI_over_sigmaI        ? 
_reflns.B_iso_Wilson_estimate        ? 
_reflns.pdbx_redundancy              4.0 
_reflns.R_free_details               ? 
_reflns.pdbx_chi_squared             ? 
_reflns.pdbx_scaling_rejects         ? 
_reflns.pdbx_ordinal                 1 
_reflns.pdbx_diffrn_id               1 
# 
_refine.entry_id                                 393D 
_refine.ls_number_reflns_obs                     2902 
_refine.ls_number_reflns_all                     ? 
_refine.pdbx_ls_sigma_I                          ? 
_refine.pdbx_ls_sigma_F                          1.000 
_refine.pdbx_data_cutoff_high_absF               ? 
_refine.pdbx_data_cutoff_low_absF                ? 
_refine.pdbx_data_cutoff_high_rms_absF           ? 
_refine.ls_d_res_low                             8.000 
_refine.ls_d_res_high                            2.000 
_refine.ls_percent_reflns_obs                    ? 
_refine.ls_R_factor_obs                          ? 
_refine.ls_R_factor_all                          ? 
_refine.ls_R_factor_R_work                       0.181 
_refine.ls_R_factor_R_free                       ? 
_refine.ls_R_factor_R_free_error                 ? 
_refine.ls_R_factor_R_free_error_details         ? 
_refine.ls_percent_reflns_R_free                 ? 
_refine.ls_number_reflns_R_free                  ? 
_refine.ls_number_parameters                     ? 
_refine.ls_number_restraints                     ? 
_refine.occupancy_min                            ? 
_refine.occupancy_max                            ? 
_refine.B_iso_mean                               ? 
_refine.aniso_B[1][1]                            ? 
_refine.aniso_B[2][2]                            ? 
_refine.aniso_B[3][3]                            ? 
_refine.aniso_B[1][2]                            ? 
_refine.aniso_B[1][3]                            ? 
_refine.aniso_B[2][3]                            ? 
_refine.solvent_model_details                    ? 
_refine.solvent_model_param_ksol                 ? 
_refine.solvent_model_param_bsol                 ? 
_refine.pdbx_ls_cross_valid_method               ? 
_refine.details                                  ? 
_refine.pdbx_starting_model                      ? 
_refine.pdbx_method_to_determine_struct          ? 
_refine.pdbx_isotropic_thermal_model             ? 
_refine.pdbx_stereochemistry_target_values       ? 
_refine.pdbx_stereochem_target_val_spec_case     ? 
_refine.pdbx_R_Free_selection_details            ? 
_refine.pdbx_overall_ESU_R                       ? 
_refine.pdbx_overall_ESU_R_Free                  ? 
_refine.overall_SU_ML                            ? 
_refine.overall_SU_B                             ? 
_refine.ls_redundancy_reflns_obs                 ? 
_refine.correlation_coeff_Fo_to_Fc               ? 
_refine.correlation_coeff_Fo_to_Fc_free          ? 
_refine.pdbx_solvent_vdw_probe_radii             ? 
_refine.pdbx_solvent_ion_probe_radii             ? 
_refine.pdbx_solvent_shrinkage_radii             ? 
_refine.overall_SU_R_Cruickshank_DPI             ? 
_refine.overall_SU_R_free                        ? 
_refine.pdbx_refine_id                           'X-RAY DIFFRACTION' 
_refine.pdbx_overall_phase_error                 ? 
_refine.ls_wR_factor_R_free                      ? 
_refine.ls_wR_factor_R_work                      ? 
_refine.overall_FOM_free_R_set                   ? 
_refine.overall_FOM_work_R_set                   ? 
_refine.pdbx_diffrn_id                           1 
_refine.pdbx_TLS_residual_ADP_flag               ? 
_refine.pdbx_overall_SU_R_free_Cruickshank_DPI   ? 
_refine.pdbx_overall_SU_R_Blow_DPI               ? 
_refine.pdbx_overall_SU_R_free_Blow_DPI          ? 
# 
_refine_hist.pdbx_refine_id                   'X-RAY DIFFRACTION' 
_refine_hist.cycle_id                         LAST 
_refine_hist.pdbx_number_atoms_protein        0 
_refine_hist.pdbx_number_atoms_nucleic_acid   406 
_refine_hist.pdbx_number_atoms_ligand         0 
_refine_hist.number_atoms_solvent             70 
_refine_hist.number_atoms_total               476 
_refine_hist.d_res_high                       2.000 
_refine_hist.d_res_low                        8.000 
# 
loop_
_refine_ls_restr.type 
_refine_ls_restr.dev_ideal 
_refine_ls_restr.dev_ideal_target 
_refine_ls_restr.weight 
_refine_ls_restr.number 
_refine_ls_restr.pdbx_refine_id 
_refine_ls_restr.pdbx_restraint_function 
x_bond_d                0.016 ? ? ? 'X-RAY DIFFRACTION' ? 
x_bond_d_na             ?     ? ? ? 'X-RAY DIFFRACTION' ? 
x_bond_d_prot           ?     ? ? ? 'X-RAY DIFFRACTION' ? 
x_angle_d               ?     ? ? ? 'X-RAY DIFFRACTION' ? 
x_angle_d_na            ?     ? ? ? 'X-RAY DIFFRACTION' ? 
x_angle_d_prot          ?     ? ? ? 'X-RAY DIFFRACTION' ? 
x_angle_deg             3.80  ? ? ? 'X-RAY DIFFRACTION' ? 
x_angle_deg_na          ?     ? ? ? 'X-RAY DIFFRACTION' ? 
x_angle_deg_prot        ?     ? ? ? 'X-RAY DIFFRACTION' ? 
x_dihedral_angle_d      ?     ? ? ? 'X-RAY DIFFRACTION' ? 
x_dihedral_angle_d_na   ?     ? ? ? 'X-RAY DIFFRACTION' ? 
x_dihedral_angle_d_prot ?     ? ? ? 'X-RAY DIFFRACTION' ? 
x_improper_angle_d      ?     ? ? ? 'X-RAY DIFFRACTION' ? 
x_improper_angle_d_na   ?     ? ? ? 'X-RAY DIFFRACTION' ? 
x_improper_angle_d_prot ?     ? ? ? 'X-RAY DIFFRACTION' ? 
x_mcbond_it             ?     ? ? ? 'X-RAY DIFFRACTION' ? 
x_mcangle_it            ?     ? ? ? 'X-RAY DIFFRACTION' ? 
x_scbond_it             ?     ? ? ? 'X-RAY DIFFRACTION' ? 
x_scangle_it            ?     ? ? ? 'X-RAY DIFFRACTION' ? 
# 
_pdbx_refine.entry_id                                    393D 
_pdbx_refine.R_factor_all_no_cutoff                      0. 
_pdbx_refine.R_factor_obs_no_cutoff                      0. 
_pdbx_refine.free_R_factor_no_cutoff                     0. 
_pdbx_refine.free_R_val_test_set_size_perc_no_cutoff     ? 
_pdbx_refine.free_R_val_test_set_ct_no_cutoff            ? 
_pdbx_refine.R_factor_all_4sig_cutoff                    0. 
_pdbx_refine.R_factor_obs_4sig_cutoff                    0. 
_pdbx_refine.free_R_factor_4sig_cutoff                   0. 
_pdbx_refine.free_R_val_test_set_size_perc_4sig_cutoff   ? 
_pdbx_refine.free_R_val_test_set_ct_4sig_cutoff          ? 
_pdbx_refine.number_reflns_obs_4sig_cutoff               ? 
_pdbx_refine.number_reflns_obs_no_cutoff                 ? 
_pdbx_refine.pdbx_refine_id                              'X-RAY DIFFRACTION' 
_pdbx_refine.free_R_error_no_cutoff                      ? 
# 
_pdbx_xplor_file.serial_no        1 
_pdbx_xplor_file.param_file       PARAM11.DNA 
_pdbx_xplor_file.topol_file       ? 
_pdbx_xplor_file.pdbx_refine_id   'X-RAY DIFFRACTION' 
# 
_struct.entry_id                  393D 
_struct.title                     
'CRYSTAL STRUCTURE OF TWO SELF-COMPLEMENTARY CHIMERIC DECAMER D(CCGG)R(C)D(GCCGG) AND D(CCGG)R(CG)D(CCGG)' 
_struct.pdbx_model_details        ? 
_struct.pdbx_CASP_flag            ? 
_struct.pdbx_model_type_details   ? 
# 
_struct_keywords.entry_id        393D 
_struct_keywords.pdbx_keywords   DNA/RNA 
_struct_keywords.text            'A-T-RNA, DOUBLE HELIX, DNA-RNA COMPLEX' 
# 
loop_
_struct_asym.id 
_struct_asym.pdbx_blank_PDB_chainid_flag 
_struct_asym.pdbx_modified 
_struct_asym.entity_id 
_struct_asym.details 
A N N 1 ? 
B N N 1 ? 
C N N 2 ? 
D N N 2 ? 
# 
_struct_ref.id                         1 
_struct_ref.entity_id                  1 
_struct_ref.db_name                    PDB 
_struct_ref.db_code                    393D 
_struct_ref.pdbx_db_accession          393D 
_struct_ref.pdbx_align_begin           ? 
_struct_ref.pdbx_seq_one_letter_code   ? 
_struct_ref.pdbx_db_isoform            ? 
# 
loop_
_struct_ref_seq.align_id 
_struct_ref_seq.ref_id 
_struct_ref_seq.pdbx_PDB_id_code 
_struct_ref_seq.pdbx_strand_id 
_struct_ref_seq.seq_align_beg 
_struct_ref_seq.pdbx_seq_align_beg_ins_code 
_struct_ref_seq.seq_align_end 
_struct_ref_seq.pdbx_seq_align_end_ins_code 
_struct_ref_seq.pdbx_db_accession 
_struct_ref_seq.db_align_beg 
_struct_ref_seq.pdbx_db_align_beg_ins_code 
_struct_ref_seq.db_align_end 
_struct_ref_seq.pdbx_db_align_end_ins_code 
_struct_ref_seq.pdbx_auth_seq_align_beg 
_struct_ref_seq.pdbx_auth_seq_align_end 
1 1 393D A 1 ? 10 ? 393D 1  ? 10 ? 1  10 
2 1 393D B 1 ? 10 ? 393D 11 ? 20 ? 11 20 
# 
_pdbx_struct_assembly.id                   1 
_pdbx_struct_assembly.details              author_defined_assembly 
_pdbx_struct_assembly.method_details       ? 
_pdbx_struct_assembly.oligomeric_details   dimeric 
_pdbx_struct_assembly.oligomeric_count     2 
# 
_pdbx_struct_assembly_gen.assembly_id       1 
_pdbx_struct_assembly_gen.oper_expression   1 
_pdbx_struct_assembly_gen.asym_id_list      A,B,C,D 
# 
_pdbx_struct_oper_list.id                   1 
_pdbx_struct_oper_list.type                 'identity operation' 
_pdbx_struct_oper_list.name                 1_555 
_pdbx_struct_oper_list.symmetry_operation   x,y,z 
_pdbx_struct_oper_list.matrix[1][1]         1.0000000000 
_pdbx_struct_oper_list.matrix[1][2]         0.0000000000 
_pdbx_struct_oper_list.matrix[1][3]         0.0000000000 
_pdbx_struct_oper_list.vector[1]            0.0000000000 
_pdbx_struct_oper_list.matrix[2][1]         0.0000000000 
_pdbx_struct_oper_list.matrix[2][2]         1.0000000000 
_pdbx_struct_oper_list.matrix[2][3]         0.0000000000 
_pdbx_struct_oper_list.vector[2]            0.0000000000 
_pdbx_struct_oper_list.matrix[3][1]         0.0000000000 
_pdbx_struct_oper_list.matrix[3][2]         0.0000000000 
_pdbx_struct_oper_list.matrix[3][3]         1.0000000000 
_pdbx_struct_oper_list.vector[3]            0.0000000000 
# 
loop_
_struct_conn.id 
_struct_conn.conn_type_id 
_struct_conn.pdbx_leaving_atom_flag 
_struct_conn.pdbx_PDB_id 
_struct_conn.ptnr1_label_asym_id 
_struct_conn.ptnr1_label_comp_id 
_struct_conn.ptnr1_label_seq_id 
_struct_conn.ptnr1_label_atom_id 
_struct_conn.pdbx_ptnr1_label_alt_id 
_struct_conn.pdbx_ptnr1_PDB_ins_code 
_struct_conn.pdbx_ptnr1_standard_comp_id 
_struct_conn.ptnr1_symmetry 
_struct_conn.ptnr2_label_asym_id 
_struct_conn.ptnr2_label_comp_id 
_struct_conn.ptnr2_label_seq_id 
_struct_conn.ptnr2_label_atom_id 
_struct_conn.pdbx_ptnr2_label_alt_id 
_struct_conn.pdbx_ptnr2_PDB_ins_code 
_struct_conn.ptnr1_auth_asym_id 
_struct_conn.ptnr1_auth_comp_id 
_struct_conn.ptnr1_auth_seq_id 
_struct_conn.ptnr2_auth_asym_id 
_struct_conn.ptnr2_auth_comp_id 
_struct_conn.ptnr2_auth_seq_id 
_struct_conn.ptnr2_symmetry 
_struct_conn.pdbx_ptnr3_label_atom_id 
_struct_conn.pdbx_ptnr3_label_seq_id 
_struct_conn.pdbx_ptnr3_label_comp_id 
_struct_conn.pdbx_ptnr3_label_asym_id 
_struct_conn.pdbx_ptnr3_label_alt_id 
_struct_conn.pdbx_ptnr3_PDB_ins_code 
_struct_conn.details 
_struct_conn.pdbx_dist_value 
_struct_conn.pdbx_value_order 
_struct_conn.pdbx_role 
hydrog1  hydrog ? ? A DC 1  N3 ? ? ? 1_555 B DG 10 N1 ? ? A DC 1  B DG 20 1_555 ? ? ? ? ? ? WATSON-CRICK ? ? ? 
hydrog2  hydrog ? ? A DC 1  N4 ? ? ? 1_555 B DG 10 O6 ? ? A DC 1  B DG 20 1_555 ? ? ? ? ? ? WATSON-CRICK ? ? ? 
hydrog3  hydrog ? ? A DC 1  O2 ? ? ? 1_555 B DG 10 N2 ? ? A DC 1  B DG 20 1_555 ? ? ? ? ? ? WATSON-CRICK ? ? ? 
hydrog4  hydrog ? ? A DC 2  N3 ? ? ? 1_555 B DG 9  N1 ? ? A DC 2  B DG 19 1_555 ? ? ? ? ? ? WATSON-CRICK ? ? ? 
hydrog5  hydrog ? ? A DC 2  N4 ? ? ? 1_555 B DG 9  O6 ? ? A DC 2  B DG 19 1_555 ? ? ? ? ? ? WATSON-CRICK ? ? ? 
hydrog6  hydrog ? ? A DC 2  O2 ? ? ? 1_555 B DG 9  N2 ? ? A DC 2  B DG 19 1_555 ? ? ? ? ? ? WATSON-CRICK ? ? ? 
hydrog7  hydrog ? ? A DG 3  N1 ? ? ? 1_555 B DC 8  N3 ? ? A DG 3  B DC 18 1_555 ? ? ? ? ? ? WATSON-CRICK ? ? ? 
hydrog8  hydrog ? ? A DG 3  N2 ? ? ? 1_555 B DC 8  O2 ? ? A DG 3  B DC 18 1_555 ? ? ? ? ? ? WATSON-CRICK ? ? ? 
hydrog9  hydrog ? ? A DG 3  O6 ? ? ? 1_555 B DC 8  N4 ? ? A DG 3  B DC 18 1_555 ? ? ? ? ? ? WATSON-CRICK ? ? ? 
hydrog10 hydrog ? ? A DG 4  N1 ? ? ? 1_555 B DC 7  N3 ? ? A DG 4  B DC 17 1_555 ? ? ? ? ? ? WATSON-CRICK ? ? ? 
hydrog11 hydrog ? ? A DG 4  N2 ? ? ? 1_555 B DC 7  O2 ? ? A DG 4  B DC 17 1_555 ? ? ? ? ? ? WATSON-CRICK ? ? ? 
hydrog12 hydrog ? ? A DG 4  O6 ? ? ? 1_555 B DC 7  N4 ? ? A DG 4  B DC 17 1_555 ? ? ? ? ? ? WATSON-CRICK ? ? ? 
hydrog13 hydrog ? ? A C  5  N3 ? ? ? 1_555 B DG 6  N1 ? ? A C  5  B DG 16 1_555 ? ? ? ? ? ? WATSON-CRICK ? ? ? 
hydrog14 hydrog ? ? A C  5  N4 ? ? ? 1_555 B DG 6  O6 ? ? A C  5  B DG 16 1_555 ? ? ? ? ? ? WATSON-CRICK ? ? ? 
hydrog15 hydrog ? ? A C  5  O2 ? ? ? 1_555 B DG 6  N2 ? ? A C  5  B DG 16 1_555 ? ? ? ? ? ? WATSON-CRICK ? ? ? 
hydrog16 hydrog ? ? A DG 6  N1 ? ? ? 1_555 B C  5  N3 ? ? A DG 6  B C  15 1_555 ? ? ? ? ? ? WATSON-CRICK ? ? ? 
hydrog17 hydrog ? ? A DG 6  N2 ? ? ? 1_555 B C  5  O2 ? ? A DG 6  B C  15 1_555 ? ? ? ? ? ? WATSON-CRICK ? ? ? 
hydrog18 hydrog ? ? A DG 6  O6 ? ? ? 1_555 B C  5  N4 ? ? A DG 6  B C  15 1_555 ? ? ? ? ? ? WATSON-CRICK ? ? ? 
hydrog19 hydrog ? ? A DC 7  N3 ? ? ? 1_555 B DG 4  N1 ? ? A DC 7  B DG 14 1_555 ? ? ? ? ? ? WATSON-CRICK ? ? ? 
hydrog20 hydrog ? ? A DC 7  N4 ? ? ? 1_555 B DG 4  O6 ? ? A DC 7  B DG 14 1_555 ? ? ? ? ? ? WATSON-CRICK ? ? ? 
hydrog21 hydrog ? ? A DC 7  O2 ? ? ? 1_555 B DG 4  N2 ? ? A DC 7  B DG 14 1_555 ? ? ? ? ? ? WATSON-CRICK ? ? ? 
hydrog22 hydrog ? ? A DC 8  N3 ? ? ? 1_555 B DG 3  N1 ? ? A DC 8  B DG 13 1_555 ? ? ? ? ? ? WATSON-CRICK ? ? ? 
hydrog23 hydrog ? ? A DC 8  N4 ? ? ? 1_555 B DG 3  O6 ? ? A DC 8  B DG 13 1_555 ? ? ? ? ? ? WATSON-CRICK ? ? ? 
hydrog24 hydrog ? ? A DC 8  O2 ? ? ? 1_555 B DG 3  N2 ? ? A DC 8  B DG 13 1_555 ? ? ? ? ? ? WATSON-CRICK ? ? ? 
hydrog25 hydrog ? ? A DG 9  N1 ? ? ? 1_555 B DC 2  N3 ? ? A DG 9  B DC 12 1_555 ? ? ? ? ? ? WATSON-CRICK ? ? ? 
hydrog26 hydrog ? ? A DG 9  N2 ? ? ? 1_555 B DC 2  O2 ? ? A DG 9  B DC 12 1_555 ? ? ? ? ? ? WATSON-CRICK ? ? ? 
hydrog27 hydrog ? ? A DG 9  O6 ? ? ? 1_555 B DC 2  N4 ? ? A DG 9  B DC 12 1_555 ? ? ? ? ? ? WATSON-CRICK ? ? ? 
hydrog28 hydrog ? ? A DG 10 N1 ? ? ? 1_555 B DC 1  N3 ? ? A DG 10 B DC 11 1_555 ? ? ? ? ? ? WATSON-CRICK ? ? ? 
hydrog29 hydrog ? ? A DG 10 N2 ? ? ? 1_555 B DC 1  O2 ? ? A DG 10 B DC 11 1_555 ? ? ? ? ? ? WATSON-CRICK ? ? ? 
hydrog30 hydrog ? ? A DG 10 O6 ? ? ? 1_555 B DC 1  N4 ? ? A DG 10 B DC 11 1_555 ? ? ? ? ? ? WATSON-CRICK ? ? ? 
# 
_struct_conn_type.id          hydrog 
_struct_conn_type.criteria    ? 
_struct_conn_type.reference   ? 
# 
loop_
_pdbx_validate_rmsd_bond.id 
_pdbx_validate_rmsd_bond.PDB_model_num 
_pdbx_validate_rmsd_bond.auth_atom_id_1 
_pdbx_validate_rmsd_bond.auth_asym_id_1 
_pdbx_validate_rmsd_bond.auth_comp_id_1 
_pdbx_validate_rmsd_bond.auth_seq_id_1 
_pdbx_validate_rmsd_bond.PDB_ins_code_1 
_pdbx_validate_rmsd_bond.label_alt_id_1 
_pdbx_validate_rmsd_bond.auth_atom_id_2 
_pdbx_validate_rmsd_bond.auth_asym_id_2 
_pdbx_validate_rmsd_bond.auth_comp_id_2 
_pdbx_validate_rmsd_bond.auth_seq_id_2 
_pdbx_validate_rmsd_bond.PDB_ins_code_2 
_pdbx_validate_rmsd_bond.label_alt_id_2 
_pdbx_validate_rmsd_bond.bond_value 
_pdbx_validate_rmsd_bond.bond_target_value 
_pdbx_validate_rmsd_bond.bond_deviation 
_pdbx_validate_rmsd_bond.bond_standard_deviation 
_pdbx_validate_rmsd_bond.linker_flag 
1 1 P     A DG 3  ? ? "O5'" A DG 3  ? ? 1.672 1.593 0.079  0.010 N 
2 1 "C3'" B DG 13 ? ? "C2'" B DG 13 ? ? 1.460 1.516 -0.056 0.008 N 
# 
loop_
_pdbx_validate_rmsd_angle.id 
_pdbx_validate_rmsd_angle.PDB_model_num 
_pdbx_validate_rmsd_angle.auth_atom_id_1 
_pdbx_validate_rmsd_angle.auth_asym_id_1 
_pdbx_validate_rmsd_angle.auth_comp_id_1 
_pdbx_validate_rmsd_angle.auth_seq_id_1 
_pdbx_validate_rmsd_angle.PDB_ins_code_1 
_pdbx_validate_rmsd_angle.label_alt_id_1 
_pdbx_validate_rmsd_angle.auth_atom_id_2 
_pdbx_validate_rmsd_angle.auth_asym_id_2 
_pdbx_validate_rmsd_angle.auth_comp_id_2 
_pdbx_validate_rmsd_angle.auth_seq_id_2 
_pdbx_validate_rmsd_angle.PDB_ins_code_2 
_pdbx_validate_rmsd_angle.label_alt_id_2 
_pdbx_validate_rmsd_angle.auth_atom_id_3 
_pdbx_validate_rmsd_angle.auth_asym_id_3 
_pdbx_validate_rmsd_angle.auth_comp_id_3 
_pdbx_validate_rmsd_angle.auth_seq_id_3 
_pdbx_validate_rmsd_angle.PDB_ins_code_3 
_pdbx_validate_rmsd_angle.label_alt_id_3 
_pdbx_validate_rmsd_angle.angle_value 
_pdbx_validate_rmsd_angle.angle_target_value 
_pdbx_validate_rmsd_angle.angle_deviation 
_pdbx_validate_rmsd_angle.angle_standard_deviation 
_pdbx_validate_rmsd_angle.linker_flag 
1  1 "O4'" A DC 1  ? ? "C1'" A DC 1  ? ? "C2'" A DC 1  ? ? 99.72  105.90 -6.18  0.80 N 
2  1 "O4'" A DC 1  ? ? "C1'" A DC 1  ? ? N1    A DC 1  ? ? 112.04 108.30 3.74   0.30 N 
3  1 N3    A DC 1  ? ? C4    A DC 1  ? ? C5    A DC 1  ? ? 119.10 121.90 -2.80  0.40 N 
4  1 N3    A DC 1  ? ? C4    A DC 1  ? ? N4    A DC 1  ? ? 122.23 118.00 4.23   0.70 N 
5  1 "O4'" A DC 2  ? ? "C1'" A DC 2  ? ? N1    A DC 2  ? ? 113.80 108.30 5.50   0.30 N 
6  1 "O3'" A DC 2  ? ? P     A DG 3  ? ? "O5'" A DG 3  ? ? 121.63 104.00 17.63  1.90 Y 
7  1 "O3'" A DC 2  ? ? P     A DG 3  ? ? OP2   A DG 3  ? ? 119.12 110.50 8.62   1.10 Y 
8  1 "O3'" A DC 2  ? ? P     A DG 3  ? ? OP1   A DG 3  ? ? 70.02  105.20 -35.18 2.20 Y 
9  1 "O4'" A DG 3  ? ? "C1'" A DG 3  ? ? N9    A DG 3  ? ? 112.83 108.30 4.53   0.30 N 
10 1 "C3'" A DG 3  ? ? "O3'" A DG 3  ? ? P     A DG 4  ? ? 128.04 119.70 8.34   1.20 Y 
11 1 "O3'" A DG 3  ? ? P     A DG 4  ? ? "O5'" A DG 4  ? ? 88.51  104.00 -15.49 1.90 Y 
12 1 "O3'" A DG 3  ? ? P     A DG 4  ? ? OP2   A DG 4  ? ? 85.31  105.20 -19.89 2.20 Y 
13 1 "O3'" A DG 3  ? ? P     A DG 4  ? ? OP1   A DG 4  ? ? 130.30 110.50 19.80  1.10 Y 
14 1 "O5'" A DG 4  ? ? P     A DG 4  ? ? OP1   A DG 4  ? ? 118.32 110.70 7.62   1.20 N 
15 1 "O4'" A C  5  ? ? "C1'" A C  5  ? ? N1    A C  5  ? ? 117.76 108.50 9.26   0.70 N 
16 1 N1    A C  5  ? ? C2    A C  5  ? ? O2    A C  5  ? ? 123.22 118.90 4.32   0.60 N 
17 1 N3    A C  5  ? ? C2    A C  5  ? ? O2    A C  5  ? ? 116.22 121.90 -5.68  0.70 N 
18 1 "C4'" A DG 6  ? ? "C3'" A DG 6  ? ? "C2'" A DG 6  ? ? 96.80  102.20 -5.40  0.70 N 
19 1 "O4'" A DG 6  ? ? "C1'" A DG 6  ? ? N9    A DG 6  ? ? 111.64 108.30 3.34   0.30 N 
20 1 "O4'" A DC 7  ? ? "C1'" A DC 7  ? ? N1    A DC 7  ? ? 116.42 108.30 8.12   0.30 N 
21 1 "C3'" A DC 7  ? ? "O3'" A DC 7  ? ? P     A DC 8  ? ? 111.68 119.70 -8.02  1.20 Y 
22 1 "O3'" A DC 7  ? ? P     A DC 8  ? ? OP2   A DC 8  ? ? 121.17 110.50 10.67  1.10 Y 
23 1 "O3'" A DC 7  ? ? P     A DC 8  ? ? OP1   A DC 8  ? ? 87.58  105.20 -17.62 2.20 Y 
24 1 "C4'" A DC 8  ? ? "C3'" A DC 8  ? ? "C2'" A DC 8  ? ? 96.44  102.20 -5.76  0.70 N 
25 1 N1    A DC 8  ? ? C2    A DC 8  ? ? O2    A DC 8  ? ? 123.95 118.90 5.05   0.60 N 
26 1 N3    A DC 8  ? ? C2    A DC 8  ? ? O2    A DC 8  ? ? 117.19 121.90 -4.71  0.70 N 
27 1 "O3'" A DC 8  ? ? P     A DG 9  ? ? OP2   A DG 9  ? ? 127.84 110.50 17.34  1.10 Y 
28 1 "O3'" A DC 8  ? ? P     A DG 9  ? ? OP1   A DG 9  ? ? 88.09  105.20 -17.11 2.20 Y 
29 1 "O4'" A DG 9  ? ? "C1'" A DG 9  ? ? N9    A DG 9  ? ? 110.25 108.30 1.95   0.30 N 
30 1 "O3'" A DG 9  ? ? P     A DG 10 ? ? OP2   A DG 10 ? ? 121.40 110.50 10.90  1.10 Y 
31 1 "O4'" A DG 10 ? ? "C1'" A DG 10 ? ? N9    A DG 10 ? ? 112.75 108.30 4.45   0.30 N 
32 1 "O4'" B DC 11 ? ? "C1'" B DC 11 ? ? N1    B DC 11 ? ? 110.78 108.30 2.48   0.30 N 
33 1 N1    B DC 12 ? ? C2    B DC 12 ? ? O2    B DC 12 ? ? 123.31 118.90 4.41   0.60 N 
34 1 "O3'" B DC 12 ? ? P     B DG 13 ? ? "O5'" B DG 13 ? ? 121.24 104.00 17.24  1.90 Y 
35 1 "C4'" B DG 13 ? ? "C3'" B DG 13 ? ? "C2'" B DG 13 ? ? 96.56  102.20 -5.64  0.70 N 
36 1 "O4'" B DG 13 ? ? "C1'" B DG 13 ? ? N9    B DG 13 ? ? 110.77 108.30 2.47   0.30 N 
37 1 "O4'" B DG 14 ? ? "C1'" B DG 14 ? ? N9    B DG 14 ? ? 112.05 108.30 3.75   0.30 N 
38 1 N1    B C  15 ? ? C2    B C  15 ? ? O2    B C  15 ? ? 122.97 118.90 4.07   0.60 N 
39 1 "C3'" B C  15 ? ? "O3'" B C  15 ? ? P     B DG 16 ? ? 126.91 119.70 7.21   1.20 Y 
40 1 "O3'" B C  15 ? ? P     B DG 16 ? ? OP2   B DG 16 ? ? 85.40  105.20 -19.80 2.20 Y 
41 1 "O5'" B DG 16 ? ? P     B DG 16 ? ? OP1   B DG 16 ? ? 125.84 110.70 15.14  1.20 N 
42 1 "O4'" B DG 16 ? ? "C1'" B DG 16 ? ? N9    B DG 16 ? ? 111.37 108.30 3.07   0.30 N 
43 1 "O3'" B DG 16 ? ? P     B DC 17 ? ? OP2   B DC 17 ? ? 123.06 110.50 12.56  1.10 Y 
44 1 "O3'" B DG 16 ? ? P     B DC 17 ? ? OP1   B DC 17 ? ? 88.84  105.20 -16.36 2.20 Y 
45 1 "O4'" B DC 17 ? ? "C1'" B DC 17 ? ? N1    B DC 17 ? ? 112.62 108.30 4.32   0.30 N 
46 1 "O3'" B DC 17 ? ? P     B DC 18 ? ? OP2   B DC 18 ? ? 125.22 110.50 14.72  1.10 Y 
47 1 "O3'" B DC 17 ? ? P     B DC 18 ? ? OP1   B DC 18 ? ? 79.12  105.20 -26.08 2.20 Y 
48 1 "C4'" B DC 18 ? ? "C3'" B DC 18 ? ? "C2'" B DC 18 ? ? 94.96  102.20 -7.24  0.70 N 
49 1 "O4'" B DC 18 ? ? "C1'" B DC 18 ? ? N1    B DC 18 ? ? 111.86 108.30 3.56   0.30 N 
50 1 "O3'" B DC 18 ? ? P     B DG 19 ? ? "O5'" B DG 19 ? ? 120.27 104.00 16.27  1.90 Y 
51 1 "O3'" B DC 18 ? ? P     B DG 19 ? ? OP1   B DG 19 ? ? 83.57  105.20 -21.63 2.20 Y 
52 1 C5    B DG 19 ? ? C6    B DG 19 ? ? O6    B DG 19 ? ? 132.39 128.60 3.79   0.60 N 
# 
loop_
_pdbx_validate_planes.id 
_pdbx_validate_planes.PDB_model_num 
_pdbx_validate_planes.auth_comp_id 
_pdbx_validate_planes.auth_asym_id 
_pdbx_validate_planes.auth_seq_id 
_pdbx_validate_planes.PDB_ins_code 
_pdbx_validate_planes.label_alt_id 
_pdbx_validate_planes.rmsd 
_pdbx_validate_planes.type 
1 1 DG A 3  ? ? 0.078 'SIDE CHAIN' 
2 1 DG A 4  ? ? 0.061 'SIDE CHAIN' 
3 1 DG B 14 ? ? 0.063 'SIDE CHAIN' 
4 1 DG B 19 ? ? 0.066 'SIDE CHAIN' 
# 
loop_
_chem_comp_atom.comp_id 
_chem_comp_atom.atom_id 
_chem_comp_atom.type_symbol 
_chem_comp_atom.pdbx_aromatic_flag 
_chem_comp_atom.pdbx_stereo_config 
_chem_comp_atom.pdbx_ordinal 
C   OP3    O N N 1   
C   P      P N N 2   
C   OP1    O N N 3   
C   OP2    O N N 4   
C   "O5'"  O N N 5   
C   "C5'"  C N N 6   
C   "C4'"  C N R 7   
C   "O4'"  O N N 8   
C   "C3'"  C N S 9   
C   "O3'"  O N N 10  
C   "C2'"  C N R 11  
C   "O2'"  O N N 12  
C   "C1'"  C N R 13  
C   N1     N N N 14  
C   C2     C N N 15  
C   O2     O N N 16  
C   N3     N N N 17  
C   C4     C N N 18  
C   N4     N N N 19  
C   C5     C N N 20  
C   C6     C N N 21  
C   HOP3   H N N 22  
C   HOP2   H N N 23  
C   "H5'"  H N N 24  
C   "H5''" H N N 25  
C   "H4'"  H N N 26  
C   "H3'"  H N N 27  
C   "HO3'" H N N 28  
C   "H2'"  H N N 29  
C   "HO2'" H N N 30  
C   "H1'"  H N N 31  
C   H41    H N N 32  
C   H42    H N N 33  
C   H5     H N N 34  
C   H6     H N N 35  
DC  OP3    O N N 36  
DC  P      P N N 37  
DC  OP1    O N N 38  
DC  OP2    O N N 39  
DC  "O5'"  O N N 40  
DC  "C5'"  C N N 41  
DC  "C4'"  C N R 42  
DC  "O4'"  O N N 43  
DC  "C3'"  C N S 44  
DC  "O3'"  O N N 45  
DC  "C2'"  C N N 46  
DC  "C1'"  C N R 47  
DC  N1     N N N 48  
DC  C2     C N N 49  
DC  O2     O N N 50  
DC  N3     N N N 51  
DC  C4     C N N 52  
DC  N4     N N N 53  
DC  C5     C N N 54  
DC  C6     C N N 55  
DC  HOP3   H N N 56  
DC  HOP2   H N N 57  
DC  "H5'"  H N N 58  
DC  "H5''" H N N 59  
DC  "H4'"  H N N 60  
DC  "H3'"  H N N 61  
DC  "HO3'" H N N 62  
DC  "H2'"  H N N 63  
DC  "H2''" H N N 64  
DC  "H1'"  H N N 65  
DC  H41    H N N 66  
DC  H42    H N N 67  
DC  H5     H N N 68  
DC  H6     H N N 69  
DG  OP3    O N N 70  
DG  P      P N N 71  
DG  OP1    O N N 72  
DG  OP2    O N N 73  
DG  "O5'"  O N N 74  
DG  "C5'"  C N N 75  
DG  "C4'"  C N R 76  
DG  "O4'"  O N N 77  
DG  "C3'"  C N S 78  
DG  "O3'"  O N N 79  
DG  "C2'"  C N N 80  
DG  "C1'"  C N R 81  
DG  N9     N Y N 82  
DG  C8     C Y N 83  
DG  N7     N Y N 84  
DG  C5     C Y N 85  
DG  C6     C N N 86  
DG  O6     O N N 87  
DG  N1     N N N 88  
DG  C2     C N N 89  
DG  N2     N N N 90  
DG  N3     N N N 91  
DG  C4     C Y N 92  
DG  HOP3   H N N 93  
DG  HOP2   H N N 94  
DG  "H5'"  H N N 95  
DG  "H5''" H N N 96  
DG  "H4'"  H N N 97  
DG  "H3'"  H N N 98  
DG  "HO3'" H N N 99  
DG  "H2'"  H N N 100 
DG  "H2''" H N N 101 
DG  "H1'"  H N N 102 
DG  H8     H N N 103 
DG  H1     H N N 104 
DG  H21    H N N 105 
DG  H22    H N N 106 
HOH O      O N N 107 
HOH H1     H N N 108 
HOH H2     H N N 109 
# 
loop_
_chem_comp_bond.comp_id 
_chem_comp_bond.atom_id_1 
_chem_comp_bond.atom_id_2 
_chem_comp_bond.value_order 
_chem_comp_bond.pdbx_aromatic_flag 
_chem_comp_bond.pdbx_stereo_config 
_chem_comp_bond.pdbx_ordinal 
C   OP3   P      sing N N 1   
C   OP3   HOP3   sing N N 2   
C   P     OP1    doub N N 3   
C   P     OP2    sing N N 4   
C   P     "O5'"  sing N N 5   
C   OP2   HOP2   sing N N 6   
C   "O5'" "C5'"  sing N N 7   
C   "C5'" "C4'"  sing N N 8   
C   "C5'" "H5'"  sing N N 9   
C   "C5'" "H5''" sing N N 10  
C   "C4'" "O4'"  sing N N 11  
C   "C4'" "C3'"  sing N N 12  
C   "C4'" "H4'"  sing N N 13  
C   "O4'" "C1'"  sing N N 14  
C   "C3'" "O3'"  sing N N 15  
C   "C3'" "C2'"  sing N N 16  
C   "C3'" "H3'"  sing N N 17  
C   "O3'" "HO3'" sing N N 18  
C   "C2'" "O2'"  sing N N 19  
C   "C2'" "C1'"  sing N N 20  
C   "C2'" "H2'"  sing N N 21  
C   "O2'" "HO2'" sing N N 22  
C   "C1'" N1     sing N N 23  
C   "C1'" "H1'"  sing N N 24  
C   N1    C2     sing N N 25  
C   N1    C6     sing N N 26  
C   C2    O2     doub N N 27  
C   C2    N3     sing N N 28  
C   N3    C4     doub N N 29  
C   C4    N4     sing N N 30  
C   C4    C5     sing N N 31  
C   N4    H41    sing N N 32  
C   N4    H42    sing N N 33  
C   C5    C6     doub N N 34  
C   C5    H5     sing N N 35  
C   C6    H6     sing N N 36  
DC  OP3   P      sing N N 37  
DC  OP3   HOP3   sing N N 38  
DC  P     OP1    doub N N 39  
DC  P     OP2    sing N N 40  
DC  P     "O5'"  sing N N 41  
DC  OP2   HOP2   sing N N 42  
DC  "O5'" "C5'"  sing N N 43  
DC  "C5'" "C4'"  sing N N 44  
DC  "C5'" "H5'"  sing N N 45  
DC  "C5'" "H5''" sing N N 46  
DC  "C4'" "O4'"  sing N N 47  
DC  "C4'" "C3'"  sing N N 48  
DC  "C4'" "H4'"  sing N N 49  
DC  "O4'" "C1'"  sing N N 50  
DC  "C3'" "O3'"  sing N N 51  
DC  "C3'" "C2'"  sing N N 52  
DC  "C3'" "H3'"  sing N N 53  
DC  "O3'" "HO3'" sing N N 54  
DC  "C2'" "C1'"  sing N N 55  
DC  "C2'" "H2'"  sing N N 56  
DC  "C2'" "H2''" sing N N 57  
DC  "C1'" N1     sing N N 58  
DC  "C1'" "H1'"  sing N N 59  
DC  N1    C2     sing N N 60  
DC  N1    C6     sing N N 61  
DC  C2    O2     doub N N 62  
DC  C2    N3     sing N N 63  
DC  N3    C4     doub N N 64  
DC  C4    N4     sing N N 65  
DC  C4    C5     sing N N 66  
DC  N4    H41    sing N N 67  
DC  N4    H42    sing N N 68  
DC  C5    C6     doub N N 69  
DC  C5    H5     sing N N 70  
DC  C6    H6     sing N N 71  
DG  OP3   P      sing N N 72  
DG  OP3   HOP3   sing N N 73  
DG  P     OP1    doub N N 74  
DG  P     OP2    sing N N 75  
DG  P     "O5'"  sing N N 76  
DG  OP2   HOP2   sing N N 77  
DG  "O5'" "C5'"  sing N N 78  
DG  "C5'" "C4'"  sing N N 79  
DG  "C5'" "H5'"  sing N N 80  
DG  "C5'" "H5''" sing N N 81  
DG  "C4'" "O4'"  sing N N 82  
DG  "C4'" "C3'"  sing N N 83  
DG  "C4'" "H4'"  sing N N 84  
DG  "O4'" "C1'"  sing N N 85  
DG  "C3'" "O3'"  sing N N 86  
DG  "C3'" "C2'"  sing N N 87  
DG  "C3'" "H3'"  sing N N 88  
DG  "O3'" "HO3'" sing N N 89  
DG  "C2'" "C1'"  sing N N 90  
DG  "C2'" "H2'"  sing N N 91  
DG  "C2'" "H2''" sing N N 92  
DG  "C1'" N9     sing N N 93  
DG  "C1'" "H1'"  sing N N 94  
DG  N9    C8     sing Y N 95  
DG  N9    C4     sing Y N 96  
DG  C8    N7     doub Y N 97  
DG  C8    H8     sing N N 98  
DG  N7    C5     sing Y N 99  
DG  C5    C6     sing N N 100 
DG  C5    C4     doub Y N 101 
DG  C6    O6     doub N N 102 
DG  C6    N1     sing N N 103 
DG  N1    C2     sing N N 104 
DG  N1    H1     sing N N 105 
DG  C2    N2     sing N N 106 
DG  C2    N3     doub N N 107 
DG  N2    H21    sing N N 108 
DG  N2    H22    sing N N 109 
DG  N3    C4     sing N N 110 
HOH O     H1     sing N N 111 
HOH O     H2     sing N N 112 
# 
_ndb_struct_conf_na.entry_id   393D 
_ndb_struct_conf_na.feature    'a-form double helix' 
# 
loop_
_ndb_struct_na_base_pair.model_number 
_ndb_struct_na_base_pair.i_label_asym_id 
_ndb_struct_na_base_pair.i_label_comp_id 
_ndb_struct_na_base_pair.i_label_seq_id 
_ndb_struct_na_base_pair.i_symmetry 
_ndb_struct_na_base_pair.j_label_asym_id 
_ndb_struct_na_base_pair.j_label_comp_id 
_ndb_struct_na_base_pair.j_label_seq_id 
_ndb_struct_na_base_pair.j_symmetry 
_ndb_struct_na_base_pair.shear 
_ndb_struct_na_base_pair.stretch 
_ndb_struct_na_base_pair.stagger 
_ndb_struct_na_base_pair.buckle 
_ndb_struct_na_base_pair.propeller 
_ndb_struct_na_base_pair.opening 
_ndb_struct_na_base_pair.pair_number 
_ndb_struct_na_base_pair.pair_name 
_ndb_struct_na_base_pair.i_auth_asym_id 
_ndb_struct_na_base_pair.i_auth_seq_id 
_ndb_struct_na_base_pair.i_PDB_ins_code 
_ndb_struct_na_base_pair.j_auth_asym_id 
_ndb_struct_na_base_pair.j_auth_seq_id 
_ndb_struct_na_base_pair.j_PDB_ins_code 
_ndb_struct_na_base_pair.hbond_type_28 
_ndb_struct_na_base_pair.hbond_type_12 
1 A DC 1  1_555 B DG 10 1_555 0.365  -0.141 0.327  -0.075  -8.449  1.503  1  A_DC1:DG20_B  A 1  ? B 20 ? 19 1 
1 A DC 2  1_555 B DG 9  1_555 0.274  -0.064 0.221  4.174   -9.597  2.554  2  A_DC2:DG19_B  A 2  ? B 19 ? 19 1 
1 A DG 3  1_555 B DC 8  1_555 -0.365 -0.157 -0.036 -3.286  -11.943 3.545  3  A_DG3:DC18_B  A 3  ? B 18 ? 19 1 
1 A DG 4  1_555 B DC 7  1_555 -0.349 -0.357 -0.241 -10.283 -14.893 -3.823 4  A_DG4:DC17_B  A 4  ? B 17 ? 19 1 
1 A C  5  1_555 B DG 6  1_555 0.048  -0.350 0.373  -7.751  -8.911  -3.783 5  A_C5:DG16_B   A 5  ? B 16 ? 19 1 
1 A DG 6  1_555 B C  5  1_555 -0.580 -0.350 0.065  1.666   -14.877 -0.129 6  A_DG6:C15_B   A 6  ? B 15 ? 19 1 
1 A DC 7  1_555 B DG 4  1_555 0.166  -0.197 -0.144 6.116   -5.901  0.405  7  A_DC7:DG14_B  A 7  ? B 14 ? 19 1 
1 A DC 8  1_555 B DG 3  1_555 0.593  -0.245 -0.124 6.612   -3.410  2.154  8  A_DC8:DG13_B  A 8  ? B 13 ? 19 1 
1 A DG 9  1_555 B DC 2  1_555 -0.335 -0.294 -0.420 -12.020 -5.354  -0.377 9  A_DG9:DC12_B  A 9  ? B 12 ? 19 1 
1 A DG 10 1_555 B DC 1  1_555 0.107  0.019  0.100  10.361  9.286   2.691  10 A_DG10:DC11_B A 10 ? B 11 ? 19 1 
# 
loop_
_ndb_struct_na_base_pair_step.model_number 
_ndb_struct_na_base_pair_step.i_label_asym_id_1 
_ndb_struct_na_base_pair_step.i_label_comp_id_1 
_ndb_struct_na_base_pair_step.i_label_seq_id_1 
_ndb_struct_na_base_pair_step.i_symmetry_1 
_ndb_struct_na_base_pair_step.j_label_asym_id_1 
_ndb_struct_na_base_pair_step.j_label_comp_id_1 
_ndb_struct_na_base_pair_step.j_label_seq_id_1 
_ndb_struct_na_base_pair_step.j_symmetry_1 
_ndb_struct_na_base_pair_step.i_label_asym_id_2 
_ndb_struct_na_base_pair_step.i_label_comp_id_2 
_ndb_struct_na_base_pair_step.i_label_seq_id_2 
_ndb_struct_na_base_pair_step.i_symmetry_2 
_ndb_struct_na_base_pair_step.j_label_asym_id_2 
_ndb_struct_na_base_pair_step.j_label_comp_id_2 
_ndb_struct_na_base_pair_step.j_label_seq_id_2 
_ndb_struct_na_base_pair_step.j_symmetry_2 
_ndb_struct_na_base_pair_step.shift 
_ndb_struct_na_base_pair_step.slide 
_ndb_struct_na_base_pair_step.rise 
_ndb_struct_na_base_pair_step.tilt 
_ndb_struct_na_base_pair_step.roll 
_ndb_struct_na_base_pair_step.twist 
_ndb_struct_na_base_pair_step.x_displacement 
_ndb_struct_na_base_pair_step.y_displacement 
_ndb_struct_na_base_pair_step.helical_rise 
_ndb_struct_na_base_pair_step.inclination 
_ndb_struct_na_base_pair_step.tip 
_ndb_struct_na_base_pair_step.helical_twist 
_ndb_struct_na_base_pair_step.step_number 
_ndb_struct_na_base_pair_step.step_name 
_ndb_struct_na_base_pair_step.i_auth_asym_id_1 
_ndb_struct_na_base_pair_step.i_auth_seq_id_1 
_ndb_struct_na_base_pair_step.i_PDB_ins_code_1 
_ndb_struct_na_base_pair_step.j_auth_asym_id_1 
_ndb_struct_na_base_pair_step.j_auth_seq_id_1 
_ndb_struct_na_base_pair_step.j_PDB_ins_code_1 
_ndb_struct_na_base_pair_step.i_auth_asym_id_2 
_ndb_struct_na_base_pair_step.i_auth_seq_id_2 
_ndb_struct_na_base_pair_step.i_PDB_ins_code_2 
_ndb_struct_na_base_pair_step.j_auth_asym_id_2 
_ndb_struct_na_base_pair_step.j_auth_seq_id_2 
_ndb_struct_na_base_pair_step.j_PDB_ins_code_2 
1 A DC 1 1_555 B DG 10 1_555 A DC 2  1_555 B DG 9 1_555 0.636  -1.556 3.118 1.314  0.605  34.421 -2.718 -0.879 3.112 1.022  -2.219 
34.450 1 AA_DC1DC2:DG19DG20_BB  A 1 ? B 20 ? A 2  ? B 19 ? 
1 A DC 2 1_555 B DG 9  1_555 A DG 3  1_555 B DC 8 1_555 -0.075 -2.041 3.407 0.955  9.914  27.374 -6.094 0.344  2.524 20.123 -1.938 
29.097 2 AA_DC2DG3:DC18DG19_BB  A 2 ? B 19 ? A 3  ? B 18 ? 
1 A DG 3 1_555 B DC 8  1_555 A DG 4  1_555 B DC 7 1_555 -1.677 -1.627 3.462 -3.723 4.518  30.844 -3.902 2.363  3.370 8.399  6.922  
31.381 3 AA_DG3DG4:DC17DC18_BB  A 3 ? B 18 ? A 4  ? B 17 ? 
1 A DG 4 1_555 B DC 7  1_555 A C  5  1_555 B DG 6 1_555 1.028  -1.783 3.272 -3.607 8.899  29.569 -4.877 -2.548 2.503 16.885 6.844  
31.056 4 AA_DG4C5:DG16DC17_BB   A 4 ? B 17 ? A 5  ? B 16 ? 
1 A C  5 1_555 B DG 6  1_555 A DG 6  1_555 B C  5 1_555 -0.262 -1.910 2.868 3.523  14.478 28.563 -5.367 0.939  1.686 27.137 -6.603 
32.144 5 AA_C5DG6:C15DG16_BB    A 5 ? B 16 ? A 6  ? B 15 ? 
1 A DG 6 1_555 B C  5  1_555 A DC 7  1_555 B DG 4 1_555 0.785  -1.210 3.256 0.667  6.110  33.860 -2.967 -1.227 3.013 10.385 -1.133 
34.397 6 AA_DG6DC7:DG14C15_BB   A 6 ? B 15 ? A 7  ? B 14 ? 
1 A DC 7 1_555 B DG 4  1_555 A DC 8  1_555 B DG 3 1_555 0.089  -2.076 3.371 -0.636 4.927  27.319 -5.484 -0.336 2.955 10.324 1.332  
27.759 7 AA_DC7DC8:DG13DG14_BB  A 7 ? B 14 ? A 8  ? B 13 ? 
1 A DC 8 1_555 B DG 3  1_555 A DG 9  1_555 B DC 2 1_555 -0.224 -2.151 4.075 1.525  0.851  25.517 -5.156 1.039  3.982 1.923  -3.447 
25.575 8 AA_DC8DG9:DC12DG13_BB  A 8 ? B 13 ? A 9  ? B 12 ? 
1 A DG 9 1_555 B DC 2  1_555 A DG 10 1_555 B DC 1 1_555 0.183  -2.164 2.917 -0.678 -1.833 32.997 -3.522 -0.426 3.025 -3.223 1.192  
33.053 9 AA_DG9DG10:DC11DC12_BB A 9 ? B 12 ? A 10 ? B 11 ? 
# 
_atom_sites.entry_id                    393D 
_atom_sites.fract_transf_matrix[1][1]   -0.03698067 
_atom_sites.fract_transf_matrix[1][2]   0.00172625 
_atom_sites.fract_transf_matrix[1][3]   -0.01710857 
_atom_sites.fract_transf_matrix[2][1]   0.00184537 
_atom_sites.fract_transf_matrix[2][2]   -0.02135436 
_atom_sites.fract_transf_matrix[2][3]   -0.00614347 
_atom_sites.fract_transf_matrix[3][1]   -0.00868906 
_atom_sites.fract_transf_matrix[3][2]   -0.00598059 
_atom_sites.fract_transf_matrix[3][3]   0.01817820 
_atom_sites.fract_transf_vector[1]      0.130420 
_atom_sites.fract_transf_vector[2]      -0.028774 
_atom_sites.fract_transf_vector[3]      0.225369 
# 
loop_
_atom_type.symbol 
C 
N 
O 
P 
# 
loop_
_atom_site.group_PDB 
_atom_site.id 
_atom_site.type_symbol 
_atom_site.label_atom_id 
_atom_site.label_alt_id 
_atom_site.label_comp_id 
_atom_site.label_asym_id 
_atom_site.label_entity_id 
_atom_site.label_seq_id 
_atom_site.pdbx_PDB_ins_code 
_atom_site.Cartn_x 
_atom_site.Cartn_y 
_atom_site.Cartn_z 
_atom_site.occupancy 
_atom_site.B_iso_or_equiv 
_atom_site.pdbx_formal_charge 
_atom_site.auth_seq_id 
_atom_site.auth_comp_id 
_atom_site.auth_asym_id 
_atom_site.auth_atom_id 
_atom_site.pdbx_PDB_model_num 
ATOM   1   O "O5'" . DC  A 1 1  ? 8.315   -7.416  -4.468  1.00 33.86 ? 1  DC  A "O5'" 1 
ATOM   2   C "C5'" . DC  A 1 1  ? 9.189   -8.505  -4.167  1.00 26.47 ? 1  DC  A "C5'" 1 
ATOM   3   C "C4'" . DC  A 1 1  ? 8.507   -9.869  -4.351  1.00 27.53 ? 1  DC  A "C4'" 1 
ATOM   4   O "O4'" . DC  A 1 1  ? 9.150   -10.799 -3.447  1.00 29.05 ? 1  DC  A "O4'" 1 
ATOM   5   C "C3'" . DC  A 1 1  ? 7.037   -9.910  -3.970  1.00 26.33 ? 1  DC  A "C3'" 1 
ATOM   6   O "O3'" . DC  A 1 1  ? 6.248   -9.876  -5.145  1.00 28.49 ? 1  DC  A "O3'" 1 
ATOM   7   C "C2'" . DC  A 1 1  ? 6.943   -11.230 -3.293  1.00 23.88 ? 1  DC  A "C2'" 1 
ATOM   8   C "C1'" . DC  A 1 1  ? 8.237   -11.319 -2.490  1.00 24.11 ? 1  DC  A "C1'" 1 
ATOM   9   N N1    . DC  A 1 1  ? 8.266   -10.542 -1.202  1.00 21.30 ? 1  DC  A N1    1 
ATOM   10  C C2    . DC  A 1 1  ? 7.504   -10.983 -0.144  1.00 17.47 ? 1  DC  A C2    1 
ATOM   11  O O2    . DC  A 1 1  ? 6.723   -11.914 -0.298  1.00 17.68 ? 1  DC  A O2    1 
ATOM   12  N N3    . DC  A 1 1  ? 7.570   -10.295 1.048   1.00 16.18 ? 1  DC  A N3    1 
ATOM   13  C C4    . DC  A 1 1  ? 8.335   -9.196  1.214   1.00 16.78 ? 1  DC  A C4    1 
ATOM   14  N N4    . DC  A 1 1  ? 8.406   -8.549  2.376   1.00 13.33 ? 1  DC  A N4    1 
ATOM   15  C C5    . DC  A 1 1  ? 9.111   -8.723  0.123   1.00 18.12 ? 1  DC  A C5    1 
ATOM   16  C C6    . DC  A 1 1  ? 9.044   -9.426  -1.036  1.00 20.68 ? 1  DC  A C6    1 
ATOM   17  P P     . DC  A 1 2  ? 5.026   -8.870  -5.268  1.00 30.33 ? 2  DC  A P     1 
ATOM   18  O OP1   . DC  A 1 2  ? 4.559   -8.964  -6.672  1.00 30.46 ? 2  DC  A OP1   1 
ATOM   19  O OP2   . DC  A 1 2  ? 5.434   -7.560  -4.686  1.00 31.05 ? 2  DC  A OP2   1 
ATOM   20  O "O5'" . DC  A 1 2  ? 3.932   -9.555  -4.315  1.00 30.09 ? 2  DC  A "O5'" 1 
ATOM   21  C "C5'" . DC  A 1 2  ? 3.399   -10.853 -4.634  1.00 28.10 ? 2  DC  A "C5'" 1 
ATOM   22  C "C4'" . DC  A 1 2  ? 2.828   -11.497 -3.373  1.00 26.49 ? 2  DC  A "C4'" 1 
ATOM   23  O "O4'" . DC  A 1 2  ? 3.819   -11.551 -2.324  1.00 26.67 ? 2  DC  A "O4'" 1 
ATOM   24  C "C3'" . DC  A 1 2  ? 1.750   -10.619 -2.810  1.00 24.87 ? 2  DC  A "C3'" 1 
ATOM   25  O "O3'" . DC  A 1 2  ? 0.522   -10.732 -3.535  1.00 23.80 ? 2  DC  A "O3'" 1 
ATOM   26  C "C2'" . DC  A 1 2  ? 1.728   -11.075 -1.370  1.00 22.43 ? 2  DC  A "C2'" 1 
ATOM   27  C "C1'" . DC  A 1 2  ? 3.204   -11.224 -1.062  1.00 23.54 ? 2  DC  A "C1'" 1 
ATOM   28  N N1    . DC  A 1 2  ? 3.838   -10.060 -0.364  1.00 22.85 ? 2  DC  A N1    1 
ATOM   29  C C2    . DC  A 1 2  ? 3.603   -9.921  0.997   1.00 21.15 ? 2  DC  A C2    1 
ATOM   30  O O2    . DC  A 1 2  ? 2.916   -10.736 1.613   1.00 21.50 ? 2  DC  A O2    1 
ATOM   31  N N3    . DC  A 1 2  ? 4.187   -8.894  1.660   1.00 18.48 ? 2  DC  A N3    1 
ATOM   32  C C4    . DC  A 1 2  ? 4.988   -8.028  1.047   1.00 21.02 ? 2  DC  A C4    1 
ATOM   33  N N4    . DC  A 1 2  ? 5.580   -7.082  1.770   1.00 20.74 ? 2  DC  A N4    1 
ATOM   34  C C5    . DC  A 1 2  ? 5.254   -8.142  -0.352  1.00 22.09 ? 2  DC  A C5    1 
ATOM   35  C C6    . DC  A 1 2  ? 4.655   -9.166  -1.011  1.00 23.61 ? 2  DC  A C6    1 
ATOM   36  P P     . DG  A 1 3  ? -0.491  -9.498  -3.268  1.00 32.11 ? 3  DG  A P     1 
ATOM   37  O OP1   . DG  A 1 3  ? -1.124  -10.488 -4.189  1.00 33.62 ? 3  DG  A OP1   1 
ATOM   38  O OP2   . DG  A 1 3  ? -0.100  -8.132  -3.712  1.00 35.03 ? 3  DG  A OP2   1 
ATOM   39  O "O5'" . DG  A 1 3  ? -1.286  -9.316  -1.809  1.00 30.43 ? 3  DG  A "O5'" 1 
ATOM   40  C "C5'" . DG  A 1 3  ? -2.164  -10.311 -1.243  1.00 27.44 ? 3  DG  A "C5'" 1 
ATOM   41  C "C4'" . DG  A 1 3  ? -2.307  -10.228 0.283   1.00 23.46 ? 3  DG  A "C4'" 1 
ATOM   42  O "O4'" . DG  A 1 3  ? -0.988  -10.217 0.839   1.00 24.59 ? 3  DG  A "O4'" 1 
ATOM   43  C "C3'" . DG  A 1 3  ? -2.985  -8.980  0.843   1.00 24.67 ? 3  DG  A "C3'" 1 
ATOM   44  O "O3'" . DG  A 1 3  ? -4.462  -8.958  0.752   1.00 28.48 ? 3  DG  A "O3'" 1 
ATOM   45  C "C2'" . DG  A 1 3  ? -2.468  -9.076  2.258   1.00 21.47 ? 3  DG  A "C2'" 1 
ATOM   46  C "C1'" . DG  A 1 3  ? -1.021  -9.453  2.067   1.00 21.33 ? 3  DG  A "C1'" 1 
ATOM   47  N N9    . DG  A 1 3  ? -0.113  -8.288  2.042   1.00 17.50 ? 3  DG  A N9    1 
ATOM   48  C C8    . DG  A 1 3  ? 0.658   -7.796  1.036   1.00 13.70 ? 3  DG  A C8    1 
ATOM   49  N N7    . DG  A 1 3  ? 1.500   -6.876  1.423   1.00 14.26 ? 3  DG  A N7    1 
ATOM   50  C C5    . DG  A 1 3  ? 1.255   -6.742  2.775   1.00 12.37 ? 3  DG  A C5    1 
ATOM   51  C C6    . DG  A 1 3  ? 1.783   -5.832  3.716   1.00 12.80 ? 3  DG  A C6    1 
ATOM   52  O O6    . DG  A 1 3  ? 2.778   -5.134  3.610   1.00 15.55 ? 3  DG  A O6    1 
ATOM   53  N N1    . DG  A 1 3  ? 1.170   -5.909  4.948   1.00 12.00 ? 3  DG  A N1    1 
ATOM   54  C C2    . DG  A 1 3  ? 0.166   -6.807  5.266   1.00 14.25 ? 3  DG  A C2    1 
ATOM   55  N N2    . DG  A 1 3  ? -0.295  -6.857  6.519   1.00 14.42 ? 3  DG  A N2    1 
ATOM   56  N N3    . DG  A 1 3  ? -0.321  -7.674  4.385   1.00 15.17 ? 3  DG  A N3    1 
ATOM   57  C C4    . DG  A 1 3  ? 0.263   -7.587  3.157   1.00 15.79 ? 3  DG  A C4    1 
ATOM   58  P P     . DG  A 1 4  ? -5.490  -7.651  0.961   1.00 27.60 ? 4  DG  A P     1 
ATOM   59  O OP1   . DG  A 1 4  ? -6.947  -7.448  0.507   1.00 27.78 ? 4  DG  A OP1   1 
ATOM   60  O OP2   . DG  A 1 4  ? -4.456  -6.875  0.218   1.00 29.67 ? 4  DG  A OP2   1 
ATOM   61  O "O5'" . DG  A 1 4  ? -5.184  -7.716  2.539   1.00 26.34 ? 4  DG  A "O5'" 1 
ATOM   62  C "C5'" . DG  A 1 4  ? -5.977  -8.514  3.433   1.00 22.00 ? 4  DG  A "C5'" 1 
ATOM   63  C "C4'" . DG  A 1 4  ? -5.868  -7.946  4.816   1.00 19.77 ? 4  DG  A "C4'" 1 
ATOM   64  O "O4'" . DG  A 1 4  ? -4.484  -7.801  5.208   1.00 18.28 ? 4  DG  A "O4'" 1 
ATOM   65  C "C3'" . DG  A 1 4  ? -6.442  -6.553  4.830   1.00 19.95 ? 4  DG  A "C3'" 1 
ATOM   66  O "O3'" . DG  A 1 4  ? -7.862  -6.593  4.827   1.00 20.68 ? 4  DG  A "O3'" 1 
ATOM   67  C "C2'" . DG  A 1 4  ? -5.785  -6.010  6.073   1.00 18.71 ? 4  DG  A "C2'" 1 
ATOM   68  C "C1'" . DG  A 1 4  ? -4.374  -6.569  5.955   1.00 17.24 ? 4  DG  A "C1'" 1 
ATOM   69  N N9    . DG  A 1 4  ? -3.459  -5.649  5.276   1.00 16.99 ? 4  DG  A N9    1 
ATOM   70  C C8    . DG  A 1 4  ? -2.983  -5.671  3.984   1.00 18.73 ? 4  DG  A C8    1 
ATOM   71  N N7    . DG  A 1 4  ? -2.036  -4.802  3.738   1.00 18.33 ? 4  DG  A N7    1 
ATOM   72  C C5    . DG  A 1 4  ? -1.884  -4.154  4.957   1.00 17.68 ? 4  DG  A C5    1 
ATOM   73  C C6    . DG  A 1 4  ? -1.040  -3.079  5.306   1.00 15.80 ? 4  DG  A C6    1 
ATOM   74  O O6    . DG  A 1 4  ? -0.137  -2.580  4.648   1.00 14.39 ? 4  DG  A O6    1 
ATOM   75  N N1    . DG  A 1 4  ? -1.252  -2.656  6.614   1.00 16.91 ? 4  DG  A N1    1 
ATOM   76  C C2    . DG  A 1 4  ? -2.158  -3.202  7.493   1.00 14.19 ? 4  DG  A C2    1 
ATOM   77  N N2    . DG  A 1 4  ? -2.144  -2.751  8.752   1.00 17.72 ? 4  DG  A N2    1 
ATOM   78  N N3    . DG  A 1 4  ? -2.956  -4.219  7.168   1.00 18.03 ? 4  DG  A N3    1 
ATOM   79  C C4    . DG  A 1 4  ? -2.763  -4.652  5.891   1.00 17.91 ? 4  DG  A C4    1 
ATOM   80  P P     . C   A 1 5  ? -8.771  -5.388  4.288   1.00 24.39 ? 5  C   A P     1 
ATOM   81  O OP1   . C   A 1 5  ? -10.238 -5.658  4.276   1.00 21.85 ? 5  C   A OP1   1 
ATOM   82  O OP2   . C   A 1 5  ? -8.105  -5.048  3.010   1.00 23.96 ? 5  C   A OP2   1 
ATOM   83  O "O5'" . C   A 1 5  ? -8.462  -4.129  5.247   1.00 21.45 ? 5  C   A "O5'" 1 
ATOM   84  C "C5'" . C   A 1 5  ? -8.382  -2.804  4.765   1.00 15.00 ? 5  C   A "C5'" 1 
ATOM   85  C "C4'" . C   A 1 5  ? -7.729  -1.969  5.845   1.00 16.54 ? 5  C   A "C4'" 1 
ATOM   86  O "O4'" . C   A 1 5  ? -6.388  -2.448  6.071   1.00 14.95 ? 5  C   A "O4'" 1 
ATOM   87  C "C3'" . C   A 1 5  ? -7.514  -0.574  5.321   1.00 15.93 ? 5  C   A "C3'" 1 
ATOM   88  O "O3'" . C   A 1 5  ? -8.668  0.239   5.460   1.00 18.30 ? 5  C   A "O3'" 1 
ATOM   89  C "C2'" . C   A 1 5  ? -6.409  -0.113  6.169   1.00 13.82 ? 5  C   A "C2'" 1 
ATOM   90  O "O2'" . C   A 1 5  ? -6.869  0.146   7.492   1.00 16.19 ? 5  C   A "O2'" 1 
ATOM   91  C "C1'" . C   A 1 5  ? -5.502  -1.338  6.186   1.00 13.06 ? 5  C   A "C1'" 1 
ATOM   92  N N1    . C   A 1 5  ? -4.405  -1.224  5.194   1.00 9.20  ? 5  C   A N1    1 
ATOM   93  C C2    . C   A 1 5  ? -3.456  -0.227  5.347   1.00 9.05  ? 5  C   A C2    1 
ATOM   94  O O2    . C   A 1 5  ? -3.407  0.506   6.320   1.00 14.30 ? 5  C   A O2    1 
ATOM   95  N N3    . C   A 1 5  ? -2.533  -0.008  4.390   1.00 8.55  ? 5  C   A N3    1 
ATOM   96  C C4    . C   A 1 5  ? -2.501  -0.739  3.277   1.00 11.56 ? 5  C   A C4    1 
ATOM   97  N N4    . C   A 1 5  ? -1.569  -0.453  2.355   1.00 14.68 ? 5  C   A N4    1 
ATOM   98  C C5    . C   A 1 5  ? -3.458  -1.786  3.087   1.00 13.17 ? 5  C   A C5    1 
ATOM   99  C C6    . C   A 1 5  ? -4.381  -1.989  4.069   1.00 13.84 ? 5  C   A C6    1 
ATOM   100 P P     . DG  A 1 6  ? -9.050  1.306   4.334   1.00 21.34 ? 6  DG  A P     1 
ATOM   101 O OP1   . DG  A 1 6  ? -10.442 1.702   4.578   1.00 19.81 ? 6  DG  A OP1   1 
ATOM   102 O OP2   . DG  A 1 6  ? -8.662  0.922   2.956   1.00 21.64 ? 6  DG  A OP2   1 
ATOM   103 O "O5'" . DG  A 1 6  ? -8.112  2.557   4.733   1.00 19.57 ? 6  DG  A "O5'" 1 
ATOM   104 C "C5'" . DG  A 1 6  ? -8.460  3.252   5.934   1.00 17.92 ? 6  DG  A "C5'" 1 
ATOM   105 C "C4'" . DG  A 1 6  ? -7.466  4.344   6.269   1.00 19.46 ? 6  DG  A "C4'" 1 
ATOM   106 O "O4'" . DG  A 1 6  ? -6.185  3.752   6.442   1.00 18.17 ? 6  DG  A "O4'" 1 
ATOM   107 C "C3'" . DG  A 1 6  ? -7.308  5.377   5.141   1.00 20.04 ? 6  DG  A "C3'" 1 
ATOM   108 O "O3'" . DG  A 1 6  ? -8.276  6.419   5.225   1.00 21.40 ? 6  DG  A "O3'" 1 
ATOM   109 C "C2'" . DG  A 1 6  ? -5.985  5.892   5.560   1.00 19.22 ? 6  DG  A "C2'" 1 
ATOM   110 C "C1'" . DG  A 1 6  ? -5.222  4.637   5.874   1.00 16.46 ? 6  DG  A "C1'" 1 
ATOM   111 N N9    . DG  A 1 6  ? -4.570  4.043   4.679   1.00 15.33 ? 6  DG  A N9    1 
ATOM   112 C C8    . DG  A 1 6  ? -4.981  3.001   3.838   1.00 14.06 ? 6  DG  A C8    1 
ATOM   113 N N7    . DG  A 1 6  ? -4.085  2.663   2.952   1.00 10.79 ? 6  DG  A N7    1 
ATOM   114 C C5    . DG  A 1 6  ? -3.012  3.527   3.216   1.00 12.90 ? 6  DG  A C5    1 
ATOM   115 C C6    . DG  A 1 6  ? -1.794  3.708   2.518   1.00 13.47 ? 6  DG  A C6    1 
ATOM   116 O O6    . DG  A 1 6  ? -1.371  3.038   1.579   1.00 19.66 ? 6  DG  A O6    1 
ATOM   117 N N1    . DG  A 1 6  ? -1.056  4.765   3.000   1.00 8.22  ? 6  DG  A N1    1 
ATOM   118 C C2    . DG  A 1 6  ? -1.432  5.551   4.039   1.00 8.80  ? 6  DG  A C2    1 
ATOM   119 N N2    . DG  A 1 6  ? -0.632  6.544   4.347   1.00 11.16 ? 6  DG  A N2    1 
ATOM   120 N N3    . DG  A 1 6  ? -2.551  5.403   4.722   1.00 7.93  ? 6  DG  A N3    1 
ATOM   121 C C4    . DG  A 1 6  ? -3.301  4.374   4.257   1.00 13.99 ? 6  DG  A C4    1 
ATOM   122 P P     . DC  A 1 7  ? -9.124  6.831   3.932   1.00 22.02 ? 7  DC  A P     1 
ATOM   123 O OP1   . DC  A 1 7  ? -10.269 7.722   4.189   1.00 22.97 ? 7  DC  A OP1   1 
ATOM   124 O OP2   . DC  A 1 7  ? -9.300  5.691   3.004   1.00 19.81 ? 7  DC  A OP2   1 
ATOM   125 O "O5'" . DC  A 1 7  ? -7.940  7.759   3.302   1.00 22.30 ? 7  DC  A "O5'" 1 
ATOM   126 C "C5'" . DC  A 1 7  ? -7.572  9.022   3.818   1.00 18.62 ? 7  DC  A "C5'" 1 
ATOM   127 C "C4'" . DC  A 1 7  ? -6.238  9.444   3.275   1.00 17.04 ? 7  DC  A "C4'" 1 
ATOM   128 O "O4'" . DC  A 1 7  ? -5.257  8.424   3.509   1.00 16.94 ? 7  DC  A "O4'" 1 
ATOM   129 C "C3'" . DC  A 1 7  ? -6.261  9.623   1.795   1.00 18.83 ? 7  DC  A "C3'" 1 
ATOM   130 O "O3'" . DC  A 1 7  ? -6.799  10.888  1.432   1.00 15.68 ? 7  DC  A "O3'" 1 
ATOM   131 C "C2'" . DC  A 1 7  ? -4.782  9.531   1.499   1.00 18.12 ? 7  DC  A "C2'" 1 
ATOM   132 C "C1'" . DC  A 1 7  ? -4.293  8.432   2.448   1.00 17.42 ? 7  DC  A "C1'" 1 
ATOM   133 N N1    . DC  A 1 7  ? -4.160  7.176   1.666   1.00 15.19 ? 7  DC  A N1    1 
ATOM   134 C C2    . DC  A 1 7  ? -2.956  7.013   0.967   1.00 12.88 ? 7  DC  A C2    1 
ATOM   135 O O2    . DC  A 1 7  ? -2.064  7.862   0.988   1.00 12.90 ? 7  DC  A O2    1 
ATOM   136 N N3    . DC  A 1 7  ? -2.791  5.888   0.218   1.00 12.94 ? 7  DC  A N3    1 
ATOM   137 C C4    . DC  A 1 7  ? -3.772  4.970   0.131   1.00 13.52 ? 7  DC  A C4    1 
ATOM   138 N N4    . DC  A 1 7  ? -3.570  3.956   -0.704  1.00 15.84 ? 7  DC  A N4    1 
ATOM   139 C C5    . DC  A 1 7  ? -5.021  5.120   0.833   1.00 11.01 ? 7  DC  A C5    1 
ATOM   140 C C6    . DC  A 1 7  ? -5.169  6.234   1.586   1.00 13.54 ? 7  DC  A C6    1 
ATOM   141 P P     . DC  A 1 8  ? -7.344  10.887  -0.061  1.00 21.15 ? 8  DC  A P     1 
ATOM   142 O OP1   . DC  A 1 8  ? -8.049  12.130  0.262   1.00 18.06 ? 8  DC  A OP1   1 
ATOM   143 O OP2   . DC  A 1 8  ? -8.046  9.685   -0.632  1.00 20.79 ? 8  DC  A OP2   1 
ATOM   144 O "O5'" . DC  A 1 8  ? -6.114  11.252  -1.016  1.00 20.09 ? 8  DC  A "O5'" 1 
ATOM   145 C "C5'" . DC  A 1 8  ? -5.243  12.336  -0.768  1.00 16.75 ? 8  DC  A "C5'" 1 
ATOM   146 C "C4'" . DC  A 1 8  ? -3.947  12.111  -1.550  1.00 16.71 ? 8  DC  A "C4'" 1 
ATOM   147 O "O4'" . DC  A 1 8  ? -3.416  10.845  -1.134  1.00 16.42 ? 8  DC  A "O4'" 1 
ATOM   148 C "C3'" . DC  A 1 8  ? -4.103  12.011  -3.050  1.00 15.97 ? 8  DC  A "C3'" 1 
ATOM   149 O "O3'" . DC  A 1 8  ? -4.374  13.265  -3.712  1.00 13.65 ? 8  DC  A "O3'" 1 
ATOM   150 C "C2'" . DC  A 1 8  ? -2.751  11.406  -3.320  1.00 17.00 ? 8  DC  A "C2'" 1 
ATOM   151 C "C1'" . DC  A 1 8  ? -2.576  10.371  -2.178  1.00 16.86 ? 8  DC  A "C1'" 1 
ATOM   152 N N1    . DC  A 1 8  ? -3.019  9.006   -2.557  1.00 15.08 ? 8  DC  A N1    1 
ATOM   153 C C2    . DC  A 1 8  ? -2.152  8.262   -3.378  1.00 14.74 ? 8  DC  A C2    1 
ATOM   154 O O2    . DC  A 1 8  ? -1.028  8.646   -3.725  1.00 15.73 ? 8  DC  A O2    1 
ATOM   155 N N3    . DC  A 1 8  ? -2.518  7.024   -3.749  1.00 12.34 ? 8  DC  A N3    1 
ATOM   156 C C4    . DC  A 1 8  ? -3.658  6.511   -3.327  1.00 10.95 ? 8  DC  A C4    1 
ATOM   157 N N4    . DC  A 1 8  ? -3.885  5.263   -3.692  1.00 7.20  ? 8  DC  A N4    1 
ATOM   158 C C5    . DC  A 1 8  ? -4.563  7.239   -2.483  1.00 9.95  ? 8  DC  A C5    1 
ATOM   159 C C6    . DC  A 1 8  ? -4.209  8.488   -2.129  1.00 10.63 ? 8  DC  A C6    1 
ATOM   160 P P     . DG  A 1 9  ? -5.029  13.141  -5.190  1.00 17.27 ? 9  DG  A P     1 
ATOM   161 O OP1   . DG  A 1 9  ? -5.274  14.588  -5.149  1.00 15.23 ? 9  DG  A OP1   1 
ATOM   162 O OP2   . DG  A 1 9  ? -6.072  12.194  -5.644  1.00 13.33 ? 9  DG  A OP2   1 
ATOM   163 O "O5'" . DG  A 1 9  ? -3.749  12.860  -6.104  1.00 12.66 ? 9  DG  A "O5'" 1 
ATOM   164 C "C5'" . DG  A 1 9  ? -2.591  13.685  -6.115  1.00 12.44 ? 9  DG  A "C5'" 1 
ATOM   165 C "C4'" . DG  A 1 9  ? -1.543  12.987  -6.956  1.00 12.52 ? 9  DG  A "C4'" 1 
ATOM   166 O "O4'" . DG  A 1 9  ? -1.239  11.740  -6.318  1.00 14.39 ? 9  DG  A "O4'" 1 
ATOM   167 C "C3'" . DG  A 1 9  ? -2.037  12.625  -8.355  1.00 11.27 ? 9  DG  A "C3'" 1 
ATOM   168 O "O3'" . DG  A 1 9  ? -1.986  13.719  -9.273  1.00 12.97 ? 9  DG  A "O3'" 1 
ATOM   169 C "C2'" . DG  A 1 9  ? -1.026  11.556  -8.667  1.00 12.59 ? 9  DG  A "C2'" 1 
ATOM   170 C "C1'" . DG  A 1 9  ? -0.888  10.795  -7.358  1.00 12.76 ? 9  DG  A "C1'" 1 
ATOM   171 N N9    . DG  A 1 9  ? -1.792  9.634   -7.318  1.00 13.56 ? 9  DG  A N9    1 
ATOM   172 C C8    . DG  A 1 9  ? -2.962  9.472   -6.640  1.00 9.90  ? 9  DG  A C8    1 
ATOM   173 N N7    . DG  A 1 9  ? -3.569  8.362   -6.928  1.00 11.47 ? 9  DG  A N7    1 
ATOM   174 C C5    . DG  A 1 9  ? -2.739  7.760   -7.846  1.00 8.78  ? 9  DG  A C5    1 
ATOM   175 C C6    . DG  A 1 9  ? -2.873  6.537   -8.507  1.00 12.71 ? 9  DG  A C6    1 
ATOM   176 O O6    . DG  A 1 9  ? -3.746  5.705   -8.312  1.00 15.61 ? 9  DG  A O6    1 
ATOM   177 N N1    . DG  A 1 9  ? -1.807  6.276   -9.370  1.00 11.89 ? 9  DG  A N1    1 
ATOM   178 C C2    . DG  A 1 9  ? -0.741  7.099   -9.558  1.00 9.38  ? 9  DG  A C2    1 
ATOM   179 N N2    . DG  A 1 9  ? 0.186   6.771   -10.457 1.00 12.72 ? 9  DG  A N2    1 
ATOM   180 N N3    . DG  A 1 9  ? -0.624  8.248   -8.914  1.00 12.47 ? 9  DG  A N3    1 
ATOM   181 C C4    . DG  A 1 9  ? -1.653  8.516   -8.085  1.00 11.87 ? 9  DG  A C4    1 
ATOM   182 P P     . DG  A 1 10 ? -2.936  13.708  -10.579 1.00 15.55 ? 10 DG  A P     1 
ATOM   183 O OP1   . DG  A 1 10 ? -2.567  15.012  -11.157 1.00 13.38 ? 10 DG  A OP1   1 
ATOM   184 O OP2   . DG  A 1 10 ? -4.366  13.351  -10.487 1.00 20.26 ? 10 DG  A OP2   1 
ATOM   185 O "O5'" . DG  A 1 10 ? -2.239  12.564  -11.535 1.00 18.21 ? 10 DG  A "O5'" 1 
ATOM   186 C "C5'" . DG  A 1 10 ? -0.909  12.779  -12.059 1.00 18.32 ? 10 DG  A "C5'" 1 
ATOM   187 C "C4'" . DG  A 1 10 ? -0.439  11.716  -13.070 1.00 21.25 ? 10 DG  A "C4'" 1 
ATOM   188 O "O4'" . DG  A 1 10 ? -0.303  10.395  -12.508 1.00 19.04 ? 10 DG  A "O4'" 1 
ATOM   189 C "C3'" . DG  A 1 10 ? -1.422  11.677  -14.232 1.00 21.82 ? 10 DG  A "C3'" 1 
ATOM   190 O "O3'" . DG  A 1 10 ? -0.883  12.512  -15.281 1.00 23.84 ? 10 DG  A "O3'" 1 
ATOM   191 C "C2'" . DG  A 1 10 ? -1.398  10.221  -14.598 1.00 21.57 ? 10 DG  A "C2'" 1 
ATOM   192 C "C1'" . DG  A 1 10 ? -0.964  9.449   -13.369 1.00 19.42 ? 10 DG  A "C1'" 1 
ATOM   193 N N9    . DG  A 1 10 ? -2.128  8.805   -12.724 1.00 15.01 ? 10 DG  A N9    1 
ATOM   194 C C8    . DG  A 1 10 ? -3.019  9.364   -11.867 1.00 15.44 ? 10 DG  A C8    1 
ATOM   195 N N7    . DG  A 1 10 ? -3.944  8.545   -11.466 1.00 18.29 ? 10 DG  A N7    1 
ATOM   196 C C5    . DG  A 1 10 ? -3.637  7.354   -12.104 1.00 17.48 ? 10 DG  A C5    1 
ATOM   197 C C6    . DG  A 1 10 ? -4.332  6.123   -12.086 1.00 17.50 ? 10 DG  A C6    1 
ATOM   198 O O6    . DG  A 1 10 ? -5.299  5.808   -11.410 1.00 18.23 ? 10 DG  A O6    1 
ATOM   199 N N1    . DG  A 1 10 ? -3.742  5.207   -12.923 1.00 17.34 ? 10 DG  A N1    1 
ATOM   200 C C2    . DG  A 1 10 ? -2.630  5.450   -13.659 1.00 12.72 ? 10 DG  A C2    1 
ATOM   201 N N2    . DG  A 1 10 ? -2.183  4.435   -14.339 1.00 11.95 ? 10 DG  A N2    1 
ATOM   202 N N3    . DG  A 1 10 ? -1.968  6.593   -13.681 1.00 12.29 ? 10 DG  A N3    1 
ATOM   203 C C4    . DG  A 1 10 ? -2.528  7.505   -12.881 1.00 12.90 ? 10 DG  A C4    1 
ATOM   204 O "O5'" . DC  B 1 1  ? -6.656  -3.621  -14.033 1.00 44.35 ? 11 DC  B "O5'" 1 
ATOM   205 C "C5'" . DC  B 1 1  ? -5.351  -3.271  -13.554 1.00 40.54 ? 11 DC  B "C5'" 1 
ATOM   206 C "C4'" . DC  B 1 1  ? -4.379  -2.862  -14.682 1.00 38.71 ? 11 DC  B "C4'" 1 
ATOM   207 O "O4'" . DC  B 1 1  ? -4.872  -1.828  -15.599 1.00 38.26 ? 11 DC  B "O4'" 1 
ATOM   208 C "C3'" . DC  B 1 1  ? -3.174  -2.254  -14.002 1.00 37.67 ? 11 DC  B "C3'" 1 
ATOM   209 O "O3'" . DC  B 1 1  ? -2.175  -3.258  -13.756 1.00 33.95 ? 11 DC  B "O3'" 1 
ATOM   210 C "C2'" . DC  B 1 1  ? -2.767  -1.158  -14.972 1.00 36.69 ? 11 DC  B "C2'" 1 
ATOM   211 C "C1'" . DC  B 1 1  ? -4.086  -0.620  -15.493 1.00 34.83 ? 11 DC  B "C1'" 1 
ATOM   212 N N1    . DC  B 1 1  ? -4.766  0.383   -14.608 1.00 33.45 ? 11 DC  B N1    1 
ATOM   213 C C2    . DC  B 1 1  ? -4.122  1.580   -14.273 1.00 31.84 ? 11 DC  B C2    1 
ATOM   214 O O2    . DC  B 1 1  ? -3.000  1.858   -14.710 1.00 30.16 ? 11 DC  B O2    1 
ATOM   215 N N3    . DC  B 1 1  ? -4.797  2.474   -13.475 1.00 30.41 ? 11 DC  B N3    1 
ATOM   216 C C4    . DC  B 1 1  ? -6.044  2.212   -13.022 1.00 30.48 ? 11 DC  B C4    1 
ATOM   217 N N4    . DC  B 1 1  ? -6.678  3.064   -12.226 1.00 30.37 ? 11 DC  B N4    1 
ATOM   218 C C5    . DC  B 1 1  ? -6.718  1.005   -13.363 1.00 31.54 ? 11 DC  B C5    1 
ATOM   219 C C6    . DC  B 1 1  ? -6.043  0.136   -14.138 1.00 32.19 ? 11 DC  B C6    1 
ATOM   220 P P     . DC  B 1 2  ? -1.362  -3.121  -12.407 1.00 31.00 ? 12 DC  B P     1 
ATOM   221 O OP1   . DC  B 1 2  ? -0.444  -4.265  -12.531 1.00 33.11 ? 12 DC  B OP1   1 
ATOM   222 O OP2   . DC  B 1 2  ? -2.334  -3.039  -11.293 1.00 36.20 ? 12 DC  B OP2   1 
ATOM   223 O "O5'" . DC  B 1 2  ? -0.542  -1.737  -12.512 1.00 28.97 ? 12 DC  B "O5'" 1 
ATOM   224 C "C5'" . DC  B 1 2  ? 0.606   -1.625  -13.355 1.00 22.59 ? 12 DC  B "C5'" 1 
ATOM   225 C "C4'" . DC  B 1 2  ? 1.128   -0.244  -13.305 1.00 21.38 ? 12 DC  B "C4'" 1 
ATOM   226 O "O4'" . DC  B 1 2  ? 0.073   0.691   -13.552 1.00 20.73 ? 12 DC  B "O4'" 1 
ATOM   227 C "C3'" . DC  B 1 2  ? 1.562   0.119   -11.932 1.00 19.41 ? 12 DC  B "C3'" 1 
ATOM   228 O "O3'" . DC  B 1 2  ? 2.791   -0.521  -11.637 1.00 20.11 ? 12 DC  B "O3'" 1 
ATOM   229 C "C2'" . DC  B 1 2  ? 1.594   1.629   -12.075 1.00 19.88 ? 12 DC  B "C2'" 1 
ATOM   230 C "C1'" . DC  B 1 2  ? 0.336   1.934   -12.844 1.00 20.43 ? 12 DC  B "C1'" 1 
ATOM   231 N N1    . DC  B 1 2  ? -0.811  2.261   -11.956 1.00 20.68 ? 12 DC  B N1    1 
ATOM   232 C C2    . DC  B 1 2  ? -0.962  3.551   -11.472 1.00 21.69 ? 12 DC  B C2    1 
ATOM   233 O O2    . DC  B 1 2  ? -0.156  4.458   -11.698 1.00 22.32 ? 12 DC  B O2    1 
ATOM   234 N N3    . DC  B 1 2  ? -2.043  3.820   -10.698 1.00 22.03 ? 12 DC  B N3    1 
ATOM   235 C C4    . DC  B 1 2  ? -2.940  2.882   -10.385 1.00 23.20 ? 12 DC  B C4    1 
ATOM   236 N N4    . DC  B 1 2  ? -3.924  3.179   -9.545  1.00 24.50 ? 12 DC  B N4    1 
ATOM   237 C C5    . DC  B 1 2  ? -2.806  1.556   -10.874 1.00 24.25 ? 12 DC  B C5    1 
ATOM   238 C C6    . DC  B 1 2  ? -1.733  1.302   -11.652 1.00 23.25 ? 12 DC  B C6    1 
ATOM   239 P P     . DG  B 1 3  ? 3.403   -0.360  -10.147 1.00 25.23 ? 13 DG  B P     1 
ATOM   240 O OP1   . DG  B 1 3  ? 4.710   -0.918  -10.551 1.00 29.24 ? 13 DG  B OP1   1 
ATOM   241 O OP2   . DG  B 1 3  ? 2.511   -1.160  -9.288  1.00 24.92 ? 13 DG  B OP2   1 
ATOM   242 O "O5'" . DG  B 1 3  ? 3.624   1.066   -9.501  1.00 22.75 ? 13 DG  B "O5'" 1 
ATOM   243 C "C5'" . DG  B 1 3  ? 4.596   1.909   -10.106 1.00 22.79 ? 13 DG  B "C5'" 1 
ATOM   244 C "C4'" . DG  B 1 3  ? 4.492   3.332   -9.619  1.00 21.48 ? 13 DG  B "C4'" 1 
ATOM   245 O "O4'" . DG  B 1 3  ? 3.245   3.914   -10.014 1.00 18.95 ? 13 DG  B "O4'" 1 
ATOM   246 C "C3'" . DG  B 1 3  ? 4.578   3.359   -8.104  1.00 20.40 ? 13 DG  B "C3'" 1 
ATOM   247 O "O3'" . DG  B 1 3  ? 5.921   3.218   -7.604  1.00 22.41 ? 13 DG  B "O3'" 1 
ATOM   248 C "C2'" . DG  B 1 3  ? 4.024   4.699   -7.931  1.00 17.49 ? 13 DG  B "C2'" 1 
ATOM   249 C "C1'" . DG  B 1 3  ? 2.905   4.782   -8.950  1.00 19.09 ? 13 DG  B "C1'" 1 
ATOM   250 N N9    . DG  B 1 3  ? 1.718   4.311   -8.262  1.00 17.50 ? 13 DG  B N9    1 
ATOM   251 C C8    . DG  B 1 3  ? 1.060   3.121   -8.384  1.00 18.06 ? 13 DG  B C8    1 
ATOM   252 N N7    . DG  B 1 3  ? 0.010   3.048   -7.631  1.00 19.29 ? 13 DG  B N7    1 
ATOM   253 C C5    . DG  B 1 3  ? -0.008  4.267   -6.975  1.00 16.69 ? 13 DG  B C5    1 
ATOM   254 C C6    . DG  B 1 3  ? -0.914  4.749   -6.022  1.00 18.17 ? 13 DG  B C6    1 
ATOM   255 O O6    . DG  B 1 3  ? -1.878  4.140   -5.555  1.00 17.21 ? 13 DG  B O6    1 
ATOM   256 N N1    . DG  B 1 3  ? -0.557  6.042   -5.593  1.00 18.29 ? 13 DG  B N1    1 
ATOM   257 C C2    . DG  B 1 3  ? 0.550   6.773   -6.025  1.00 14.40 ? 13 DG  B C2    1 
ATOM   258 N N2    . DG  B 1 3  ? 0.826   7.950   -5.463  1.00 11.74 ? 13 DG  B N2    1 
ATOM   259 N N3    . DG  B 1 3  ? 1.377   6.294   -6.932  1.00 17.13 ? 13 DG  B N3    1 
ATOM   260 C C4    . DG  B 1 3  ? 1.038   5.045   -7.355  1.00 16.30 ? 13 DG  B C4    1 
ATOM   261 P P     . DG  B 1 4  ? 6.167   2.475   -6.188  1.00 25.84 ? 14 DG  B P     1 
ATOM   262 O OP1   . DG  B 1 4  ? 7.602   2.165   -5.969  1.00 28.57 ? 14 DG  B OP1   1 
ATOM   263 O OP2   . DG  B 1 4  ? 5.156   1.393   -6.040  1.00 20.59 ? 14 DG  B OP2   1 
ATOM   264 O "O5'" . DG  B 1 4  ? 5.845   3.693   -5.212  1.00 24.44 ? 14 DG  B "O5'" 1 
ATOM   265 C "C5'" . DG  B 1 4  ? 6.695   4.848   -5.239  1.00 23.19 ? 14 DG  B "C5'" 1 
ATOM   266 C "C4'" . DG  B 1 4  ? 5.964   6.020   -4.586  1.00 22.41 ? 14 DG  B "C4'" 1 
ATOM   267 O "O4'" . DG  B 1 4  ? 4.601   6.177   -5.063  1.00 20.89 ? 14 DG  B "O4'" 1 
ATOM   268 C "C3'" . DG  B 1 4  ? 5.846   5.782   -3.097  1.00 22.49 ? 14 DG  B "C3'" 1 
ATOM   269 O "O3'" . DG  B 1 4  ? 7.120   6.058   -2.490  1.00 24.45 ? 14 DG  B "O3'" 1 
ATOM   270 C "C2'" . DG  B 1 4  ? 4.745   6.771   -2.797  1.00 20.13 ? 14 DG  B "C2'" 1 
ATOM   271 C "C1'" . DG  B 1 4  ? 3.777   6.554   -3.960  1.00 20.04 ? 14 DG  B "C1'" 1 
ATOM   272 N N9    . DG  B 1 4  ? 2.744   5.547   -3.674  1.00 18.39 ? 14 DG  B N9    1 
ATOM   273 C C8    . DG  B 1 4  ? 2.545   4.290   -4.199  1.00 19.48 ? 14 DG  B C8    1 
ATOM   274 N N7    . DG  B 1 4  ? 1.444   3.716   -3.776  1.00 20.08 ? 14 DG  B N7    1 
ATOM   275 C C5    . DG  B 1 4  ? 0.879   4.651   -2.909  1.00 19.25 ? 14 DG  B C5    1 
ATOM   276 C C6    . DG  B 1 4  ? -0.311  4.606   -2.124  1.00 19.42 ? 14 DG  B C6    1 
ATOM   277 O O6    . DG  B 1 4  ? -1.242  3.816   -2.158  1.00 20.19 ? 14 DG  B O6    1 
ATOM   278 N N1    . DG  B 1 4  ? -0.466  5.734   -1.358  1.00 17.45 ? 14 DG  B N1    1 
ATOM   279 C C2    . DG  B 1 4  ? 0.393   6.822   -1.344  1.00 19.14 ? 14 DG  B C2    1 
ATOM   280 N N2    . DG  B 1 4  ? 0.137   7.837   -0.478  1.00 19.56 ? 14 DG  B N2    1 
ATOM   281 N N3    . DG  B 1 4  ? 1.493   6.871   -2.105  1.00 17.60 ? 14 DG  B N3    1 
ATOM   282 C C4    . DG  B 1 4  ? 1.677   5.763   -2.845  1.00 19.08 ? 14 DG  B C4    1 
ATOM   283 P P     . C   B 1 5  ? 7.711   5.231   -1.218  1.00 26.16 ? 15 C   B P     1 
ATOM   284 O OP1   . C   B 1 5  ? 9.154   5.545   -1.000  1.00 29.00 ? 15 C   B OP1   1 
ATOM   285 O OP2   . C   B 1 5  ? 7.254   3.817   -1.219  1.00 24.08 ? 15 C   B OP2   1 
ATOM   286 O "O5'" . C   B 1 5  ? 6.857   5.993   -0.104  1.00 24.85 ? 15 C   B "O5'" 1 
ATOM   287 C "C5'" . C   B 1 5  ? 7.199   7.333   0.276   1.00 26.05 ? 15 C   B "C5'" 1 
ATOM   288 C "C4'" . C   B 1 5  ? 6.156   7.963   1.184   1.00 27.27 ? 15 C   B "C4'" 1 
ATOM   289 O "O4'" . C   B 1 5  ? 4.849   7.959   0.579   1.00 28.30 ? 15 C   B "O4'" 1 
ATOM   290 C "C3'" . C   B 1 5  ? 5.950   7.154   2.452   1.00 25.93 ? 15 C   B "C3'" 1 
ATOM   291 O "O3'" . C   B 1 5  ? 6.966   7.421   3.451   1.00 30.09 ? 15 C   B "O3'" 1 
ATOM   292 C "C2'" . C   B 1 5  ? 4.624   7.679   2.886   1.00 23.12 ? 15 C   B "C2'" 1 
ATOM   293 O "O2'" . C   B 1 5  ? 4.842   9.005   3.358   1.00 23.13 ? 15 C   B "O2'" 1 
ATOM   294 C "C1'" . C   B 1 5  ? 3.851   7.631   1.561   1.00 21.62 ? 15 C   B "C1'" 1 
ATOM   295 N N1    . C   B 1 5  ? 3.192   6.308   1.256   1.00 17.37 ? 15 C   B N1    1 
ATOM   296 C C2    . C   B 1 5  ? 1.936   6.046   1.837   1.00 15.90 ? 15 C   B C2    1 
ATOM   297 O O2    . C   B 1 5  ? 1.396   6.809   2.639   1.00 16.85 ? 15 C   B O2    1 
ATOM   298 N N3    . C   B 1 5  ? 1.323   4.880   1.540   1.00 12.26 ? 15 C   B N3    1 
ATOM   299 C C4    . C   B 1 5  ? 1.893   3.976   0.724   1.00 11.64 ? 15 C   B C4    1 
ATOM   300 N N4    . C   B 1 5  ? 1.282   2.804   0.518   1.00 14.28 ? 15 C   B N4    1 
ATOM   301 C C5    . C   B 1 5  ? 3.176   4.210   0.137   1.00 10.78 ? 15 C   B C5    1 
ATOM   302 C C6    . C   B 1 5  ? 3.773   5.388   0.437   1.00 12.96 ? 15 C   B C6    1 
ATOM   303 P P     . DG  B 1 6  ? 7.668   6.318   4.484   1.00 38.12 ? 16 DG  B P     1 
ATOM   304 O OP1   . DG  B 1 6  ? 8.840   6.876   4.968   1.00 39.95 ? 16 DG  B OP1   1 
ATOM   305 O OP2   . DG  B 1 6  ? 7.826   5.470   3.280   1.00 37.55 ? 16 DG  B OP2   1 
ATOM   306 O "O5'" . DG  B 1 6  ? 6.462   5.740   5.377   1.00 34.83 ? 16 DG  B "O5'" 1 
ATOM   307 C "C5'" . DG  B 1 6  ? 6.032   6.655   6.403   1.00 31.04 ? 16 DG  B "C5'" 1 
ATOM   308 C "C4'" . DG  B 1 6  ? 4.726   6.290   7.055   1.00 25.77 ? 16 DG  B "C4'" 1 
ATOM   309 O "O4'" . DG  B 1 6  ? 3.727   6.212   6.039   1.00 21.69 ? 16 DG  B "O4'" 1 
ATOM   310 C "C3'" . DG  B 1 6  ? 4.732   4.933   7.659   1.00 26.06 ? 16 DG  B "C3'" 1 
ATOM   311 O "O3'" . DG  B 1 6  ? 5.414   4.874   8.912   1.00 30.03 ? 16 DG  B "O3'" 1 
ATOM   312 C "C2'" . DG  B 1 6  ? 3.242   4.707   7.745   1.00 22.99 ? 16 DG  B "C2'" 1 
ATOM   313 C "C1'" . DG  B 1 6  ? 2.725   5.295   6.445   1.00 21.16 ? 16 DG  B "C1'" 1 
ATOM   314 N N9    . DG  B 1 6  ? 2.489   4.273   5.420   1.00 17.30 ? 16 DG  B N9    1 
ATOM   315 C C8    . DG  B 1 6  ? 3.291   3.872   4.387   1.00 17.28 ? 16 DG  B C8    1 
ATOM   316 N N7    . DG  B 1 6  ? 2.775   2.916   3.656   1.00 17.65 ? 16 DG  B N7    1 
ATOM   317 C C5    . DG  B 1 6  ? 1.530   2.674   4.255   1.00 17.22 ? 16 DG  B C5    1 
ATOM   318 C C6    . DG  B 1 6  ? 0.539   1.693   3.947   1.00 13.89 ? 16 DG  B C6    1 
ATOM   319 O O6    . DG  B 1 6  ? 0.534   0.901   2.999   1.00 13.12 ? 16 DG  B O6    1 
ATOM   320 N N1    . DG  B 1 6  ? -0.514  1.724   4.891   1.00 12.60 ? 16 DG  B N1    1 
ATOM   321 C C2    . DG  B 1 6  ? -0.596  2.574   5.966   1.00 11.47 ? 16 DG  B C2    1 
ATOM   322 N N2    . DG  B 1 6  ? -1.620  2.432   6.798   1.00 12.23 ? 16 DG  B N2    1 
ATOM   323 N N3    . DG  B 1 6  ? 0.327   3.503   6.240   1.00 12.57 ? 16 DG  B N3    1 
ATOM   324 C C4    . DG  B 1 6  ? 1.356   3.500   5.346   1.00 15.69 ? 16 DG  B C4    1 
ATOM   325 P P     . DC  B 1 7  ? 5.905   3.395   9.348   1.00 27.73 ? 17 DC  B P     1 
ATOM   326 O OP1   . DC  B 1 7  ? 6.816   4.018   10.325  1.00 30.59 ? 17 DC  B OP1   1 
ATOM   327 O OP2   . DC  B 1 7  ? 6.390   2.386   8.377   1.00 27.56 ? 17 DC  B OP2   1 
ATOM   328 O "O5'" . DC  B 1 7  ? 4.638   2.785   10.082  1.00 26.24 ? 17 DC  B "O5'" 1 
ATOM   329 C "C5'" . DC  B 1 7  ? 4.050   3.331   11.254  1.00 22.55 ? 17 DC  B "C5'" 1 
ATOM   330 C "C4'" . DC  B 1 7  ? 2.753   2.580   11.515  1.00 23.24 ? 17 DC  B "C4'" 1 
ATOM   331 O "O4'" . DC  B 1 7  ? 1.818   2.651   10.412  1.00 20.60 ? 17 DC  B "O4'" 1 
ATOM   332 C "C3'" . DC  B 1 7  ? 3.020   1.104   11.626  1.00 23.90 ? 17 DC  B "C3'" 1 
ATOM   333 O "O3'" . DC  B 1 7  ? 3.644   0.803   12.849  1.00 26.00 ? 17 DC  B "O3'" 1 
ATOM   334 C "C2'" . DC  B 1 7  ? 1.631   0.565   11.459  1.00 20.65 ? 17 DC  B "C2'" 1 
ATOM   335 C "C1'" . DC  B 1 7  ? 1.099   1.397   10.291  1.00 20.17 ? 17 DC  B "C1'" 1 
ATOM   336 N N1    . DC  B 1 7  ? 1.342   0.723   8.990   1.00 17.09 ? 17 DC  B N1    1 
ATOM   337 C C2    . DC  B 1 7  ? 0.356   -0.119  8.483   1.00 16.23 ? 17 DC  B C2    1 
ATOM   338 O O2    . DC  B 1 7  ? -0.619  -0.454  9.160   1.00 16.25 ? 17 DC  B O2    1 
ATOM   339 N N3    . DC  B 1 7  ? 0.546   -0.659  7.244   1.00 12.71 ? 17 DC  B N3    1 
ATOM   340 C C4    . DC  B 1 7  ? 1.657   -0.408  6.552   1.00 12.28 ? 17 DC  B C4    1 
ATOM   341 N N4    . DC  B 1 7  ? 1.804   -0.926  5.338   1.00 9.15  ? 17 DC  B N4    1 
ATOM   342 C C5    . DC  B 1 7  ? 2.694   0.420   7.068   1.00 14.36 ? 17 DC  B C5    1 
ATOM   343 C C6    . DC  B 1 7  ? 2.488   0.965   8.283   1.00 15.78 ? 17 DC  B C6    1 
ATOM   344 P P     . DC  B 1 8  ? 4.696   -0.416  12.795  1.00 36.10 ? 18 DC  B P     1 
ATOM   345 O OP1   . DC  B 1 8  ? 4.664   -0.138  14.249  1.00 40.96 ? 18 DC  B OP1   1 
ATOM   346 O OP2   . DC  B 1 8  ? 6.010   -0.382  12.107  1.00 37.61 ? 18 DC  B OP2   1 
ATOM   347 O "O5'" . DC  B 1 8  ? 3.986   -1.850  12.538  1.00 34.15 ? 18 DC  B "O5'" 1 
ATOM   348 C "C5'" . DC  B 1 8  ? 2.950   -2.338  13.385  1.00 30.77 ? 18 DC  B "C5'" 1 
ATOM   349 C "C4'" . DC  B 1 8  ? 2.031   -3.253  12.614  1.00 28.50 ? 18 DC  B "C4'" 1 
ATOM   350 O "O4'" . DC  B 1 8  ? 1.508   -2.633  11.417  1.00 24.00 ? 18 DC  B "O4'" 1 
ATOM   351 C "C3'" . DC  B 1 8  ? 2.697   -4.521  12.146  1.00 26.99 ? 18 DC  B "C3'" 1 
ATOM   352 O "O3'" . DC  B 1 8  ? 3.017   -5.415  13.234  1.00 29.68 ? 18 DC  B "O3'" 1 
ATOM   353 C "C2'" . DC  B 1 8  ? 1.561   -4.945  11.260  1.00 22.61 ? 18 DC  B "C2'" 1 
ATOM   354 C "C1'" . DC  B 1 8  ? 1.192   -3.683  10.506  1.00 21.70 ? 18 DC  B "C1'" 1 
ATOM   355 N N1    . DC  B 1 8  ? 1.971   -3.579  9.257   1.00 18.02 ? 18 DC  B N1    1 
ATOM   356 C C2    . DC  B 1 8  ? 1.512   -4.271  8.152   1.00 18.74 ? 18 DC  B C2    1 
ATOM   357 O O2    . DC  B 1 8  ? 0.491   -4.957  8.192   1.00 22.53 ? 18 DC  B O2    1 
ATOM   358 N N3    . DC  B 1 8  ? 2.225   -4.231  7.000   1.00 16.93 ? 18 DC  B N3    1 
ATOM   359 C C4    . DC  B 1 8  ? 3.366   -3.529  6.954   1.00 16.95 ? 18 DC  B C4    1 
ATOM   360 N N4    . DC  B 1 8  ? 4.072   -3.513  5.831   1.00 16.80 ? 18 DC  B N4    1 
ATOM   361 C C5    . DC  B 1 8  ? 3.855   -2.811  8.085   1.00 18.33 ? 18 DC  B C5    1 
ATOM   362 C C6    . DC  B 1 8  ? 3.118   -2.862  9.210   1.00 18.84 ? 18 DC  B C6    1 
ATOM   363 P P     . DG  B 1 9  ? 3.897   -6.775  12.967  1.00 33.78 ? 19 DG  B P     1 
ATOM   364 O OP1   . DG  B 1 9  ? 3.788   -6.934  14.447  1.00 34.58 ? 19 DG  B OP1   1 
ATOM   365 O OP2   . DG  B 1 9  ? 5.234   -6.547  12.338  1.00 33.90 ? 19 DG  B OP2   1 
ATOM   366 O "O5'" . DG  B 1 9  ? 3.224   -8.055  12.199  1.00 26.54 ? 19 DG  B "O5'" 1 
ATOM   367 C "C5'" . DG  B 1 9  ? 1.955   -8.584  12.512  1.00 19.56 ? 19 DG  B "C5'" 1 
ATOM   368 C "C4'" . DG  B 1 9  ? 1.352   -9.251  11.295  1.00 18.21 ? 19 DG  B "C4'" 1 
ATOM   369 O "O4'" . DG  B 1 9  ? 1.148   -8.291  10.272  1.00 20.75 ? 19 DG  B "O4'" 1 
ATOM   370 C "C3'" . DG  B 1 9  ? 2.152   -10.345 10.618  1.00 16.90 ? 19 DG  B "C3'" 1 
ATOM   371 O "O3'" . DG  B 1 9  ? 2.039   -11.567 11.343  1.00 17.19 ? 19 DG  B "O3'" 1 
ATOM   372 C "C2'" . DG  B 1 9  ? 1.469   -10.393 9.264   1.00 13.36 ? 19 DG  B "C2'" 1 
ATOM   373 C "C1'" . DG  B 1 9  ? 1.281   -8.951  8.992   1.00 15.34 ? 19 DG  B "C1'" 1 
ATOM   374 N N9    . DG  B 1 9  ? 2.432   -8.374  8.312   1.00 15.90 ? 19 DG  B N9    1 
ATOM   375 C C8    . DG  B 1 9  ? 3.298   -7.359  8.703   1.00 15.10 ? 19 DG  B C8    1 
ATOM   376 N N7    . DG  B 1 9  ? 4.127   -6.998  7.746   1.00 16.06 ? 19 DG  B N7    1 
ATOM   377 C C5    . DG  B 1 9  ? 3.783   -7.834  6.648   1.00 16.45 ? 19 DG  B C5    1 
ATOM   378 C C6    . DG  B 1 9  ? 4.243   -7.871  5.276   1.00 15.35 ? 19 DG  B C6    1 
ATOM   379 O O6    . DG  B 1 9  ? 5.045   -7.165  4.643   1.00 16.68 ? 19 DG  B O6    1 
ATOM   380 N N1    . DG  B 1 9  ? 3.546   -8.802  4.559   1.00 12.84 ? 19 DG  B N1    1 
ATOM   381 C C2    . DG  B 1 9  ? 2.543   -9.593  5.029   1.00 13.73 ? 19 DG  B C2    1 
ATOM   382 N N2    . DG  B 1 9  ? 2.020   -10.470 4.172   1.00 16.97 ? 19 DG  B N2    1 
ATOM   383 N N3    . DG  B 1 9  ? 2.102   -9.556  6.275   1.00 14.41 ? 19 DG  B N3    1 
ATOM   384 C C4    . DG  B 1 9  ? 2.758   -8.669  7.020   1.00 15.29 ? 19 DG  B C4    1 
ATOM   385 P P     . DG  B 1 10 ? 3.073   -12.789 11.320  1.00 17.49 ? 20 DG  B P     1 
ATOM   386 O OP1   . DG  B 1 10 ? 2.595   -13.766 12.339  1.00 21.17 ? 20 DG  B OP1   1 
ATOM   387 O OP2   . DG  B 1 10 ? 4.416   -12.170 11.451  1.00 19.70 ? 20 DG  B OP2   1 
ATOM   388 O "O5'" . DG  B 1 10 ? 2.901   -13.387 9.818   1.00 14.75 ? 20 DG  B "O5'" 1 
ATOM   389 C "C5'" . DG  B 1 10 ? 1.748   -14.162 9.510   1.00 16.75 ? 20 DG  B "C5'" 1 
ATOM   390 C "C4'" . DG  B 1 10 ? 1.768   -14.702 8.118   1.00 17.53 ? 20 DG  B "C4'" 1 
ATOM   391 O "O4'" . DG  B 1 10 ? 1.763   -13.637 7.179   1.00 16.91 ? 20 DG  B "O4'" 1 
ATOM   392 C "C3'" . DG  B 1 10 ? 2.991   -15.539 7.866   1.00 17.54 ? 20 DG  B "C3'" 1 
ATOM   393 O "O3'" . DG  B 1 10 ? 2.726   -16.832 8.399   1.00 14.85 ? 20 DG  B "O3'" 1 
ATOM   394 C "C2'" . DG  B 1 10 ? 3.099   -15.444 6.363   1.00 15.21 ? 20 DG  B "C2'" 1 
ATOM   395 C "C1'" . DG  B 1 10 ? 2.648   -14.005 6.111   1.00 17.07 ? 20 DG  B "C1'" 1 
ATOM   396 N N9    . DG  B 1 10 ? 3.707   -12.962 6.089   1.00 15.61 ? 20 DG  B N9    1 
ATOM   397 C C8    . DG  B 1 10 ? 4.151   -12.151 7.100   1.00 11.26 ? 20 DG  B C8    1 
ATOM   398 N N7    . DG  B 1 10 ? 5.093   -11.341 6.729   1.00 13.90 ? 20 DG  B N7    1 
ATOM   399 C C5    . DG  B 1 10 ? 5.293   -11.624 5.373   1.00 16.74 ? 20 DG  B C5    1 
ATOM   400 C C6    . DG  B 1 10 ? 6.181   -11.028 4.398   1.00 15.41 ? 20 DG  B C6    1 
ATOM   401 O O6    . DG  B 1 10 ? 7.025   -10.131 4.555   1.00 16.44 ? 20 DG  B O6    1 
ATOM   402 N N1    . DG  B 1 10 ? 5.995   -11.595 3.152   1.00 12.02 ? 20 DG  B N1    1 
ATOM   403 C C2    . DG  B 1 10 ? 5.097   -12.596 2.852   1.00 13.35 ? 20 DG  B C2    1 
ATOM   404 N N2    . DG  B 1 10 ? 4.984   -13.026 1.593   1.00 18.22 ? 20 DG  B N2    1 
ATOM   405 N N3    . DG  B 1 10 ? 4.305   -13.144 3.747   1.00 15.63 ? 20 DG  B N3    1 
ATOM   406 C C4    . DG  B 1 10 ? 4.443   -12.618 4.982   1.00 14.71 ? 20 DG  B C4    1 
HETATM 407 O O     . HOH C 2 .  ? -13.499 -7.356  0.395   1.00 7.53  ? 21 HOH A O     1 
HETATM 408 O O     . HOH C 2 .  ? -8.396  -18.131 0.731   1.00 16.57 ? 23 HOH A O     1 
HETATM 409 O O     . HOH C 2 .  ? -1.458  -5.037  0.918   1.00 20.13 ? 25 HOH A O     1 
HETATM 410 O O     . HOH C 2 .  ? -6.495  4.771   -3.392  1.00 25.20 ? 27 HOH A O     1 
HETATM 411 O O     . HOH C 2 .  ? 1.218   -2.957  2.005   1.00 27.78 ? 28 HOH A O     1 
HETATM 412 O O     . HOH C 2 .  ? -9.686  0.583   7.885   1.00 28.70 ? 29 HOH A O     1 
HETATM 413 O O     . HOH C 2 .  ? -5.802  -4.194  1.497   1.00 29.63 ? 30 HOH A O     1 
HETATM 414 O O     . HOH C 2 .  ? -5.359  16.142  -10.957 1.00 30.85 ? 31 HOH A O     1 
HETATM 415 O O     . HOH C 2 .  ? -11.363 -1.136  6.287   1.00 30.41 ? 32 HOH A O     1 
HETATM 416 O O     . HOH C 2 .  ? -0.997  1.189   -0.253  1.00 31.11 ? 33 HOH A O     1 
HETATM 417 O O     . HOH C 2 .  ? -6.447  14.333  -8.589  1.00 32.17 ? 34 HOH A O     1 
HETATM 418 O O     . HOH C 2 .  ? -0.976  -6.199  -1.683  1.00 34.52 ? 35 HOH A O     1 
HETATM 419 O O     . HOH C 2 .  ? 2.995   -10.895 -10.201 1.00 34.71 ? 36 HOH A O     1 
HETATM 420 O O     . HOH C 2 .  ? 9.601   -5.869  5.583   1.00 36.30 ? 39 HOH A O     1 
HETATM 421 O O     . HOH C 2 .  ? -3.547  1.281   9.085   1.00 36.68 ? 40 HOH A O     1 
HETATM 422 O O     . HOH C 2 .  ? 1.778   9.439   -10.320 1.00 39.59 ? 44 HOH A O     1 
HETATM 423 O O     . HOH C 2 .  ? 1.319   -12.792 2.373   1.00 40.88 ? 47 HOH A O     1 
HETATM 424 O O     . HOH C 2 .  ? -8.112  6.171   -0.593  1.00 43.51 ? 48 HOH A O     1 
HETATM 425 O O     . HOH C 2 .  ? -10.605 -8.919  4.945   1.00 43.08 ? 49 HOH A O     1 
HETATM 426 O O     . HOH C 2 .  ? 3.667   -4.633  0.846   1.00 44.46 ? 50 HOH A O     1 
HETATM 427 O O     . HOH C 2 .  ? -6.323  2.131   -1.969  1.00 44.49 ? 51 HOH A O     1 
HETATM 428 O O     . HOH C 2 .  ? -0.536  16.775  -9.619  1.00 44.76 ? 54 HOH A O     1 
HETATM 429 O O     . HOH C 2 .  ? -5.370  6.664   -5.741  1.00 45.26 ? 57 HOH A O     1 
HETATM 430 O O     . HOH C 2 .  ? -9.867  -7.791  2.403   1.00 46.52 ? 60 HOH A O     1 
HETATM 431 O O     . HOH C 2 .  ? 1.283   -10.813 -7.842  1.00 47.87 ? 62 HOH A O     1 
HETATM 432 O O     . HOH C 2 .  ? -5.752  0.969   1.534   1.00 49.38 ? 65 HOH A O     1 
HETATM 433 O O     . HOH C 2 .  ? 5.810   -12.167 -10.843 1.00 49.10 ? 66 HOH A O     1 
HETATM 434 O O     . HOH C 2 .  ? -6.282  2.272   9.004   1.00 51.69 ? 67 HOH A O     1 
HETATM 435 O O     . HOH C 2 .  ? -3.717  -6.045  -2.670  1.00 54.72 ? 69 HOH A O     1 
HETATM 436 O O     . HOH C 2 .  ? -11.454 8.187   -0.065  1.00 56.65 ? 70 HOH A O     1 
HETATM 437 O O     . HOH C 2 .  ? 10.062  -6.192  2.817   1.00 57.05 ? 71 HOH A O     1 
HETATM 438 O O     . HOH C 2 .  ? -13.263 10.172  5.525   1.00 57.89 ? 73 HOH A O     1 
HETATM 439 O O     . HOH C 2 .  ? -7.577  3.692   1.054   1.00 59.98 ? 77 HOH A O     1 
HETATM 440 O O     . HOH C 2 .  ? 1.317   14.736  -10.218 1.00 60.70 ? 80 HOH A O     1 
HETATM 441 O O     . HOH C 2 .  ? 9.125   -3.066  6.030   1.00 61.86 ? 82 HOH A O     1 
HETATM 442 O O     . HOH C 2 .  ? -13.044 -3.493  5.468   1.00 64.73 ? 84 HOH A O     1 
HETATM 443 O O     . HOH C 2 .  ? 6.659   -6.288  -2.625  1.00 65.19 ? 85 HOH A O     1 
HETATM 444 O O     . HOH C 2 .  ? 9.738   -10.629 -11.795 1.00 66.07 ? 87 HOH A O     1 
HETATM 445 O O     . HOH C 2 .  ? -15.831 6.069   7.828   1.00 67.71 ? 88 HOH A O     1 
HETATM 446 O O     . HOH C 2 .  ? -6.391  -9.622  -2.227  1.00 67.93 ? 89 HOH A O     1 
HETATM 447 O O     . HOH C 2 .  ? 4.619   -4.857  -1.700  1.00 68.16 ? 90 HOH A O     1 
HETATM 448 O O     . HOH D 2 .  ? -0.334  0.316   -4.069  1.00 13.28 ? 22 HOH B O     1 
HETATM 449 O O     . HOH D 2 .  ? 7.479   -8.424  6.798   1.00 19.40 ? 24 HOH B O     1 
HETATM 450 O O     . HOH D 2 .  ? 3.286   8.098   -8.538  1.00 21.07 ? 26 HOH B O     1 
HETATM 451 O O     . HOH D 2 .  ? 6.426   -5.657  8.174   1.00 34.73 ? 37 HOH B O     1 
HETATM 452 O O     . HOH D 2 .  ? 9.431   1.314   -2.879  1.00 35.11 ? 38 HOH B O     1 
HETATM 453 O O     . HOH D 2 .  ? 5.729   -11.731 13.617  1.00 36.39 ? 41 HOH B O     1 
HETATM 454 O O     . HOH D 2 .  ? -2.348  1.916   -3.578  1.00 37.35 ? 42 HOH B O     1 
HETATM 455 O O     . HOH D 2 .  ? -7.915  -1.585  -15.737 1.00 38.04 ? 43 HOH B O     1 
HETATM 456 O O     . HOH D 2 .  ? -1.199  -4.219  -8.649  1.00 39.82 ? 45 HOH B O     1 
HETATM 457 O O     . HOH D 2 .  ? -5.152  -2.112  -10.666 1.00 40.66 ? 46 HOH B O     1 
HETATM 458 O O     . HOH D 2 .  ? 6.789   -5.061  5.106   1.00 44.96 ? 52 HOH B O     1 
HETATM 459 O O     . HOH D 2 .  ? 5.686   -0.779  9.438   1.00 44.59 ? 53 HOH B O     1 
HETATM 460 O O     . HOH D 2 .  ? 8.726   8.860   6.627   1.00 44.14 ? 55 HOH B O     1 
HETATM 461 O O     . HOH D 2 .  ? 6.674   -3.547  10.878  1.00 45.90 ? 56 HOH B O     1 
HETATM 462 O O     . HOH D 2 .  ? -0.521  -1.586  -8.967  1.00 46.84 ? 58 HOH B O     1 
HETATM 463 O O     . HOH D 2 .  ? 2.160   0.551   -5.352  1.00 46.47 ? 59 HOH B O     1 
HETATM 464 O O     . HOH D 2 .  ? 8.979   11.444  2.532   1.00 47.51 ? 61 HOH B O     1 
HETATM 465 O O     . HOH D 2 .  ? 1.651   -8.371  15.691  1.00 48.50 ? 63 HOH B O     1 
HETATM 466 O O     . HOH D 2 .  ? 6.863   3.207   2.400   1.00 49.91 ? 64 HOH B O     1 
HETATM 467 O O     . HOH D 2 .  ? 6.876   2.115   4.952   1.00 51.02 ? 68 HOH B O     1 
HETATM 468 O O     . HOH D 2 .  ? 2.664   -17.165 11.160  1.00 57.84 ? 72 HOH B O     1 
HETATM 469 O O     . HOH D 2 .  ? 5.025   2.031   -2.502  1.00 58.54 ? 74 HOH B O     1 
HETATM 470 O O     . HOH D 2 .  ? -7.863  -2.809  -11.171 1.00 58.96 ? 75 HOH B O     1 
HETATM 471 O O     . HOH D 2 .  ? 0.060   5.018   10.053  1.00 58.68 ? 76 HOH B O     1 
HETATM 472 O O     . HOH D 2 .  ? 6.979   9.944   4.599   1.00 65.00 ? 78 HOH B O     1 
HETATM 473 O O     . HOH D 2 .  ? 9.587   3.101   6.509   1.00 59.54 ? 79 HOH B O     1 
HETATM 474 O O     . HOH D 2 .  ? 6.380   -0.641  5.940   1.00 61.22 ? 81 HOH B O     1 
HETATM 475 O O     . HOH D 2 .  ? 1.586   0.091   0.233   1.00 63.04 ? 83 HOH B O     1 
HETATM 476 O O     . HOH D 2 .  ? 6.576   -10.031 10.997  1.00 65.97 ? 86 HOH B O     1 
# 
